data_5A1H
#
_entry.id   5A1H
#
_cell.length_a   58.580
_cell.length_b   129.400
_cell.length_c   129.480
_cell.angle_alpha   90.00
_cell.angle_beta   90.00
_cell.angle_gamma   90.00
#
_symmetry.space_group_name_H-M   'P 21 21 21'
#
loop_
_entity.id
_entity.type
_entity.pdbx_description
1 polymer SPINDLIN-3
2 water water
#
_entity_poly.entity_id   1
_entity_poly.type   'polypeptide(L)'
_entity_poly.pdbx_seq_one_letter_code
;MPRGNIVGCRIQHGWKDGDEPLTQWKGTVLDQVPVNPSLYLIKYDGFDCVYGLELHRDERVSSLEVLPNRVASSRISDTH
LAEIMVGKAVEHIFETEEGSKNEWRGMVLAQAPVMNTWFYITYEKDPVLYMYQLLDDYKDGDLRILQDSNDSPLAEREPG
EVIDSLVGKQVEYAKDDGSKRTGMVIHQVEAKPSVYFIKFDDDFHIYVYDLVKTSAENLYFQ
;
_entity_poly.pdbx_strand_id   A,B,C,D
#
# COMPACT_ATOMS: atom_id res chain seq x y z
N GLY A 4 9.76 -14.31 -4.70
CA GLY A 4 8.48 -15.05 -4.57
C GLY A 4 7.30 -14.12 -4.60
N ASN A 5 6.15 -14.59 -4.12
CA ASN A 5 4.92 -13.78 -4.18
C ASN A 5 4.81 -12.84 -2.97
N ILE A 6 4.80 -11.53 -3.21
CA ILE A 6 4.76 -10.56 -2.10
C ILE A 6 3.37 -10.15 -1.65
N VAL A 7 2.31 -10.66 -2.28
CA VAL A 7 0.96 -10.32 -1.84
C VAL A 7 0.68 -10.96 -0.47
N GLY A 8 0.14 -10.17 0.44
CA GLY A 8 -0.15 -10.62 1.79
C GLY A 8 1.08 -10.56 2.69
N CYS A 9 2.16 -9.92 2.23
CA CYS A 9 3.40 -9.84 2.96
C CYS A 9 3.62 -8.46 3.54
N ARG A 10 4.30 -8.44 4.67
CA ARG A 10 4.88 -7.24 5.20
C ARG A 10 6.09 -6.88 4.38
N ILE A 11 6.22 -5.60 4.01
CA ILE A 11 7.34 -5.15 3.20
C ILE A 11 7.92 -3.85 3.75
N GLN A 12 9.16 -3.59 3.40
CA GLN A 12 9.75 -2.30 3.66
C GLN A 12 10.62 -1.91 2.50
N HIS A 13 10.78 -0.60 2.32
CA HIS A 13 11.61 -0.13 1.23
C HIS A 13 11.94 1.33 1.49
N GLY A 14 12.98 1.81 0.81
CA GLY A 14 13.30 3.24 0.76
C GLY A 14 12.35 3.93 -0.22
N TRP A 15 12.13 5.22 0.03
CA TRP A 15 11.33 6.05 -0.85
C TRP A 15 12.05 7.37 -0.99
N LYS A 16 12.24 7.79 -2.24
CA LYS A 16 12.82 9.08 -2.49
C LYS A 16 12.19 9.66 -3.76
N ASP A 17 11.42 10.72 -3.60
CA ASP A 17 10.75 11.37 -4.77
C ASP A 17 11.45 12.68 -5.05
N GLY A 18 12.21 12.72 -6.15
CA GLY A 18 12.92 13.95 -6.54
C GLY A 18 14.06 14.27 -5.61
N ASP A 19 14.06 15.50 -5.07
CA ASP A 19 15.15 15.95 -4.18
C ASP A 19 14.84 15.94 -2.69
N GLU A 20 13.69 15.37 -2.33
CA GLU A 20 13.32 15.19 -0.92
C GLU A 20 14.29 14.16 -0.30
N PRO A 21 14.51 14.21 1.02
CA PRO A 21 15.29 13.19 1.70
C PRO A 21 14.67 11.81 1.56
N LEU A 22 15.53 10.80 1.57
CA LEU A 22 15.09 9.42 1.54
C LEU A 22 14.35 9.05 2.84
N THR A 23 13.17 8.41 2.73
CA THR A 23 12.45 7.92 3.92
C THR A 23 12.31 6.41 3.85
N GLN A 24 11.92 5.80 4.96
CA GLN A 24 11.74 4.36 5.03
C GLN A 24 10.27 4.08 5.21
N TRP A 25 9.72 3.35 4.26
CA TRP A 25 8.31 3.01 4.23
C TRP A 25 8.16 1.56 4.62
N LYS A 26 7.14 1.29 5.40
CA LYS A 26 6.85 -0.03 5.84
C LYS A 26 5.35 -0.21 5.66
N GLY A 27 4.95 -1.36 5.12
CA GLY A 27 3.56 -1.60 4.84
C GLY A 27 3.19 -3.04 4.61
N THR A 28 1.93 -3.25 4.23
CA THR A 28 1.38 -4.58 4.01
C THR A 28 0.79 -4.61 2.62
N VAL A 29 1.26 -5.56 1.78
CA VAL A 29 0.75 -5.67 0.45
C VAL A 29 -0.60 -6.36 0.43
N LEU A 30 -1.59 -5.69 -0.09
CA LEU A 30 -2.96 -6.18 -0.09
C LEU A 30 -3.32 -7.01 -1.32
N ASP A 31 -2.72 -6.72 -2.46
CA ASP A 31 -3.21 -7.22 -3.74
C ASP A 31 -2.26 -6.86 -4.88
N GLN A 32 -2.25 -7.69 -5.91
CA GLN A 32 -1.53 -7.45 -7.16
C GLN A 32 -2.59 -7.36 -8.24
N VAL A 33 -2.62 -6.24 -8.93
CA VAL A 33 -3.76 -5.92 -9.82
C VAL A 33 -3.72 -6.85 -11.07
N PRO A 34 -4.81 -7.64 -11.29
CA PRO A 34 -4.83 -8.56 -12.42
C PRO A 34 -4.60 -7.91 -13.78
N VAL A 35 -5.18 -6.72 -14.04
CA VAL A 35 -4.99 -6.05 -15.34
C VAL A 35 -3.65 -5.36 -15.49
N ASN A 36 -2.90 -5.26 -14.41
CA ASN A 36 -1.55 -4.79 -14.42
C ASN A 36 -0.77 -5.45 -13.29
N PRO A 37 -0.14 -6.61 -13.57
CA PRO A 37 0.61 -7.38 -12.55
C PRO A 37 1.87 -6.69 -12.01
N SER A 38 2.25 -5.57 -12.61
CA SER A 38 3.28 -4.75 -12.04
C SER A 38 2.76 -3.93 -10.88
N LEU A 39 1.47 -3.67 -10.87
CA LEU A 39 0.83 -2.76 -9.90
C LEU A 39 0.38 -3.53 -8.70
N TYR A 40 0.77 -3.05 -7.52
CA TYR A 40 0.32 -3.58 -6.24
C TYR A 40 -0.46 -2.57 -5.47
N LEU A 41 -1.43 -3.04 -4.65
CA LEU A 41 -2.09 -2.19 -3.70
C LEU A 41 -1.50 -2.47 -2.29
N ILE A 42 -1.07 -1.41 -1.62
CA ILE A 42 -0.33 -1.50 -0.34
C ILE A 42 -0.98 -0.61 0.73
N LYS A 43 -1.13 -1.13 1.94
CA LYS A 43 -1.46 -0.32 3.11
C LYS A 43 -0.21 -0.03 3.90
N TYR A 44 0.27 1.19 3.82
CA TYR A 44 1.51 1.57 4.52
C TYR A 44 1.17 1.99 5.94
N ASP A 45 2.11 1.78 6.86
CA ASP A 45 1.87 2.03 8.30
C ASP A 45 1.66 3.51 8.55
N GLY A 46 0.52 3.85 9.13
CA GLY A 46 0.18 5.22 9.43
C GLY A 46 -0.27 6.04 8.24
N PHE A 47 -0.51 5.41 7.08
CA PHE A 47 -0.99 6.11 5.93
C PHE A 47 -2.49 5.77 5.88
N ASP A 48 -3.29 6.77 5.80
CA ASP A 48 -4.75 6.57 5.71
C ASP A 48 -5.28 6.00 4.39
N CYS A 49 -4.61 6.33 3.30
CA CYS A 49 -5.07 5.93 1.98
C CYS A 49 -4.31 4.77 1.46
N VAL A 50 -5.00 3.91 0.70
CA VAL A 50 -4.35 2.78 0.03
C VAL A 50 -3.56 3.34 -1.20
N TYR A 51 -2.35 2.90 -1.36
CA TYR A 51 -1.50 3.28 -2.48
C TYR A 51 -1.37 2.15 -3.49
N GLY A 52 -1.34 2.57 -4.75
CA GLY A 52 -1.01 1.70 -5.88
C GLY A 52 0.37 2.05 -6.42
N LEU A 53 1.33 1.15 -6.24
CA LEU A 53 2.72 1.38 -6.67
C LEU A 53 3.19 0.22 -7.49
N GLU A 54 3.89 0.51 -8.58
CA GLU A 54 4.67 -0.51 -9.29
C GLU A 54 5.99 -0.78 -8.56
N LEU A 55 5.92 -1.61 -7.54
CA LEU A 55 6.97 -1.72 -6.53
C LEU A 55 8.32 -2.18 -7.09
N HIS A 56 8.32 -2.95 -8.17
CA HIS A 56 9.56 -3.36 -8.82
C HIS A 56 10.04 -2.40 -9.91
N ARG A 57 9.14 -1.57 -10.43
CA ARG A 57 9.48 -0.70 -11.56
C ARG A 57 9.70 0.75 -11.19
N ASP A 58 9.16 1.16 -10.05
CA ASP A 58 9.18 2.56 -9.67
C ASP A 58 10.57 2.94 -9.20
N GLU A 59 11.13 3.96 -9.82
CA GLU A 59 12.50 4.39 -9.52
C GLU A 59 12.60 5.12 -8.18
N ARG A 60 11.46 5.48 -7.57
CA ARG A 60 11.44 6.06 -6.23
C ARG A 60 11.56 5.01 -5.13
N VAL A 61 11.29 3.75 -5.46
CA VAL A 61 11.36 2.66 -4.56
C VAL A 61 12.77 2.01 -4.60
N SER A 62 13.37 1.86 -3.43
CA SER A 62 14.69 1.21 -3.35
C SER A 62 14.75 0.24 -2.21
N SER A 63 15.72 -0.66 -2.27
CA SER A 63 15.98 -1.63 -1.21
C SER A 63 14.74 -2.40 -0.73
N LEU A 64 13.88 -2.75 -1.67
CA LEU A 64 12.64 -3.46 -1.36
C LEU A 64 12.88 -4.84 -0.77
N GLU A 65 12.19 -5.14 0.33
CA GLU A 65 12.31 -6.42 1.00
C GLU A 65 10.99 -6.85 1.54
N VAL A 66 10.76 -8.15 1.63
CA VAL A 66 9.68 -8.65 2.49
C VAL A 66 10.26 -8.85 3.88
N LEU A 67 9.42 -8.69 4.88
CA LEU A 67 9.87 -8.75 6.27
C LEU A 67 9.56 -10.12 6.86
N PRO A 68 10.38 -10.56 7.82
CA PRO A 68 10.05 -11.79 8.50
C PRO A 68 8.75 -11.68 9.24
N ASN A 69 8.43 -10.46 9.71
CA ASN A 69 7.20 -10.18 10.43
C ASN A 69 5.95 -10.64 9.71
N ARG A 70 4.99 -11.11 10.47
CA ARG A 70 3.72 -11.61 9.97
C ARG A 70 2.66 -10.52 10.05
N VAL A 71 1.68 -10.63 9.21
CA VAL A 71 0.54 -9.73 9.19
C VAL A 71 -0.37 -10.04 10.37
N ALA A 72 -0.71 -9.05 11.18
CA ALA A 72 -1.57 -9.30 12.39
C ALA A 72 -2.91 -9.93 12.02
N THR A 79 -18.33 -10.33 12.58
CA THR A 79 -18.61 -10.73 11.21
C THR A 79 -19.94 -10.19 10.74
N HIS A 80 -20.91 -10.10 11.66
CA HIS A 80 -22.27 -9.74 11.28
C HIS A 80 -22.40 -8.26 11.09
N LEU A 81 -21.71 -7.51 11.93
CA LEU A 81 -21.63 -6.07 11.73
C LEU A 81 -20.81 -5.71 10.45
N ALA A 82 -19.71 -6.42 10.21
CA ALA A 82 -18.85 -6.23 9.05
C ALA A 82 -19.63 -6.46 7.76
N GLU A 83 -20.35 -7.58 7.72
CA GLU A 83 -21.24 -7.88 6.60
C GLU A 83 -22.29 -6.80 6.33
N ILE A 84 -22.84 -6.23 7.41
CA ILE A 84 -23.85 -5.19 7.30
C ILE A 84 -23.33 -3.90 6.70
N MET A 85 -22.14 -3.50 7.15
CA MET A 85 -21.56 -2.21 6.76
C MET A 85 -21.16 -2.15 5.30
N VAL A 86 -20.63 -3.23 4.80
CA VAL A 86 -20.13 -3.28 3.41
C VAL A 86 -21.22 -2.89 2.45
N GLY A 87 -21.00 -1.83 1.68
CA GLY A 87 -21.97 -1.35 0.72
C GLY A 87 -22.84 -0.23 1.23
N LYS A 88 -22.79 0.07 2.51
CA LYS A 88 -23.59 1.15 3.11
C LYS A 88 -22.96 2.53 3.00
N ALA A 89 -23.83 3.52 2.77
CA ALA A 89 -23.46 4.89 2.92
C ALA A 89 -23.39 5.16 4.43
N VAL A 90 -22.35 5.89 4.85
CA VAL A 90 -22.09 6.11 6.26
C VAL A 90 -21.78 7.55 6.53
N GLU A 91 -21.78 7.93 7.81
CA GLU A 91 -21.23 9.21 8.24
C GLU A 91 -20.12 8.95 9.24
N HIS A 92 -18.90 9.35 8.89
CA HIS A 92 -17.72 8.96 9.65
C HIS A 92 -17.14 10.19 10.35
N ILE A 93 -16.96 10.08 11.65
CA ILE A 93 -16.19 11.11 12.41
C ILE A 93 -14.79 10.59 12.67
N PHE A 94 -13.80 11.18 12.00
CA PHE A 94 -12.41 10.68 12.12
C PHE A 94 -11.41 11.81 12.11
N GLU A 95 -10.18 11.51 12.55
CA GLU A 95 -9.07 12.46 12.54
C GLU A 95 -8.01 12.03 11.53
N THR A 96 -7.63 12.91 10.61
CA THR A 96 -6.69 12.51 9.57
C THR A 96 -5.23 12.57 10.10
N GLU A 97 -4.26 12.18 9.26
CA GLU A 97 -2.82 12.22 9.60
C GLU A 97 -2.35 13.62 9.97
N GLU A 98 -2.98 14.64 9.38
CA GLU A 98 -2.56 16.01 9.55
C GLU A 98 -3.31 16.72 10.68
N GLY A 99 -4.16 15.98 11.41
CA GLY A 99 -4.87 16.52 12.56
C GLY A 99 -6.26 17.07 12.23
N SER A 100 -6.62 17.13 10.96
CA SER A 100 -7.93 17.67 10.58
C SER A 100 -9.04 16.77 11.09
N LYS A 101 -10.02 17.39 11.79
CA LYS A 101 -11.12 16.65 12.40
C LYS A 101 -12.29 16.68 11.43
N ASN A 102 -12.63 15.54 10.84
CA ASN A 102 -13.66 15.44 9.83
C ASN A 102 -14.94 14.76 10.34
N GLU A 103 -16.07 15.22 9.85
CA GLU A 103 -17.34 14.49 9.98
C GLU A 103 -17.87 14.38 8.56
N TRP A 104 -17.60 13.23 7.90
CA TRP A 104 -17.77 13.10 6.47
C TRP A 104 -18.74 12.00 6.08
N ARG A 105 -19.51 12.26 5.04
CA ARG A 105 -20.35 11.25 4.42
C ARG A 105 -19.53 10.39 3.43
N GLY A 106 -19.66 9.09 3.56
CA GLY A 106 -18.91 8.18 2.69
C GLY A 106 -19.64 6.90 2.39
N MET A 107 -18.90 5.95 1.89
CA MET A 107 -19.41 4.64 1.63
C MET A 107 -18.37 3.58 2.00
N VAL A 108 -18.83 2.50 2.63
CA VAL A 108 -17.97 1.36 2.93
C VAL A 108 -17.96 0.45 1.72
N LEU A 109 -16.81 0.28 1.14
CA LEU A 109 -16.67 -0.41 -0.14
C LEU A 109 -16.55 -1.91 0.02
N ALA A 110 -15.75 -2.33 1.00
CA ALA A 110 -15.41 -3.75 1.17
C ALA A 110 -14.57 -3.92 2.43
N GLN A 111 -14.59 -5.15 2.95
CA GLN A 111 -13.61 -5.54 3.94
C GLN A 111 -12.32 -5.68 3.17
N ALA A 112 -11.24 -5.12 3.69
CA ALA A 112 -9.96 -5.15 2.93
C ALA A 112 -9.38 -6.54 2.85
N PRO A 113 -8.72 -6.88 1.73
CA PRO A 113 -8.00 -8.11 1.70
C PRO A 113 -6.86 -8.12 2.75
N VAL A 114 -6.43 -9.29 3.16
CA VAL A 114 -5.20 -9.49 3.90
C VAL A 114 -5.32 -8.98 5.36
N MET A 115 -5.76 -7.74 5.56
CA MET A 115 -5.84 -7.15 6.87
C MET A 115 -7.29 -7.16 7.41
N ASN A 116 -7.55 -8.10 8.28
CA ASN A 116 -8.90 -8.61 8.47
C ASN A 116 -9.83 -7.88 9.43
N THR A 117 -9.41 -6.79 10.05
CA THR A 117 -10.36 -5.85 10.70
C THR A 117 -10.44 -4.48 10.02
N TRP A 118 -9.87 -4.39 8.82
CA TRP A 118 -9.80 -3.12 8.09
C TRP A 118 -10.82 -3.11 7.00
N PHE A 119 -11.28 -1.91 6.66
CA PHE A 119 -12.24 -1.76 5.58
C PHE A 119 -11.80 -0.76 4.54
N TYR A 120 -12.11 -1.06 3.28
CA TYR A 120 -12.08 -0.03 2.23
C TYR A 120 -13.25 0.94 2.39
N ILE A 121 -12.95 2.24 2.43
CA ILE A 121 -13.96 3.27 2.58
C ILE A 121 -13.53 4.48 1.70
N THR A 122 -14.51 5.18 1.18
CA THR A 122 -14.29 6.40 0.42
C THR A 122 -15.29 7.45 0.82
N TYR A 123 -14.97 8.71 0.53
CA TYR A 123 -15.78 9.84 0.94
C TYR A 123 -16.11 10.76 -0.24
N GLU A 124 -17.31 11.34 -0.19
CA GLU A 124 -17.72 12.26 -1.25
C GLU A 124 -16.85 13.52 -1.31
N LYS A 125 -16.28 13.93 -0.20
CA LYS A 125 -15.36 15.07 -0.19
C LYS A 125 -13.95 14.73 -0.66
N ASP A 126 -13.59 13.44 -0.63
CA ASP A 126 -12.27 12.98 -1.01
C ASP A 126 -12.41 11.56 -1.54
N PRO A 127 -12.76 11.43 -2.83
CA PRO A 127 -13.14 10.15 -3.41
C PRO A 127 -11.90 9.33 -3.82
N VAL A 128 -11.05 9.04 -2.85
CA VAL A 128 -9.95 8.09 -3.00
C VAL A 128 -10.12 6.96 -1.99
N LEU A 129 -9.31 5.91 -2.15
CA LEU A 129 -9.47 4.74 -1.34
C LEU A 129 -8.78 4.92 0.01
N TYR A 130 -9.59 4.97 1.07
CA TYR A 130 -9.09 4.99 2.43
C TYR A 130 -9.24 3.61 3.01
N MET A 131 -8.57 3.40 4.14
CA MET A 131 -8.64 2.12 4.83
C MET A 131 -8.57 2.33 6.35
N TYR A 132 -9.61 1.89 7.06
CA TYR A 132 -9.73 2.12 8.49
C TYR A 132 -10.34 0.94 9.21
N GLN A 133 -10.08 0.87 10.52
CA GLN A 133 -10.68 -0.15 11.37
C GLN A 133 -12.03 0.41 11.80
N LEU A 134 -13.03 0.18 10.98
CA LEU A 134 -14.32 0.81 11.14
C LEU A 134 -15.19 0.22 12.25
N LEU A 135 -14.98 -1.05 12.55
CA LEU A 135 -15.73 -1.70 13.65
C LEU A 135 -15.32 -1.13 15.00
N ASP A 136 -14.10 -0.61 15.11
CA ASP A 136 -13.66 0.08 16.31
C ASP A 136 -14.26 1.46 16.39
N ASP A 137 -14.27 2.16 15.28
CA ASP A 137 -14.87 3.50 15.26
C ASP A 137 -16.35 3.40 15.53
N TYR A 138 -16.95 2.30 15.11
CA TYR A 138 -18.39 2.10 15.28
C TYR A 138 -18.63 2.00 16.78
N LYS A 139 -17.80 1.24 17.49
CA LYS A 139 -18.00 1.02 18.93
C LYS A 139 -17.74 2.31 19.70
N ASP A 140 -16.77 3.08 19.23
CA ASP A 140 -16.47 4.39 19.79
C ASP A 140 -17.66 5.34 19.61
N GLY A 141 -18.57 5.04 18.70
CA GLY A 141 -19.69 5.94 18.41
C GLY A 141 -19.35 6.94 17.31
N ASP A 142 -18.34 6.64 16.50
CA ASP A 142 -17.85 7.54 15.47
C ASP A 142 -18.30 7.16 14.03
N LEU A 143 -19.10 6.11 13.89
CA LEU A 143 -19.58 5.73 12.58
C LEU A 143 -21.09 5.51 12.61
N ARG A 144 -21.80 6.14 11.68
CA ARG A 144 -23.23 6.01 11.55
C ARG A 144 -23.57 5.39 10.19
N ILE A 145 -24.28 4.28 10.25
CA ILE A 145 -24.75 3.61 9.06
C ILE A 145 -26.08 4.24 8.57
N LEU A 146 -26.09 4.70 7.33
CA LEU A 146 -27.28 5.31 6.79
C LEU A 146 -28.14 4.23 6.16
N LEU A 166 -15.67 -3.15 -17.77
CA LEU A 166 -14.86 -1.89 -17.81
C LEU A 166 -13.45 -1.99 -17.31
N VAL A 167 -13.23 -2.97 -16.46
CA VAL A 167 -11.95 -3.16 -15.79
C VAL A 167 -10.88 -3.49 -16.86
N GLY A 168 -9.77 -2.78 -16.82
CA GLY A 168 -8.72 -2.91 -17.79
C GLY A 168 -8.75 -1.85 -18.87
N LYS A 169 -9.85 -1.11 -18.97
CA LYS A 169 -10.01 -0.05 -19.95
C LYS A 169 -9.34 1.24 -19.53
N GLN A 170 -8.75 1.94 -20.50
CA GLN A 170 -8.16 3.26 -20.25
C GLN A 170 -9.27 4.27 -19.98
N VAL A 171 -8.94 5.33 -19.25
CA VAL A 171 -9.87 6.42 -18.95
C VAL A 171 -9.15 7.74 -18.91
N GLU A 172 -9.92 8.81 -19.10
CA GLU A 172 -9.38 10.15 -19.04
C GLU A 172 -10.44 11.16 -18.63
N TYR A 173 -9.98 12.29 -18.14
CA TYR A 173 -10.85 13.48 -18.02
C TYR A 173 -10.02 14.74 -18.19
N ALA A 174 -10.69 15.85 -18.54
CA ALA A 174 -10.02 17.15 -18.64
C ALA A 174 -9.93 17.86 -17.32
N LYS A 175 -8.72 18.25 -16.95
CA LYS A 175 -8.55 19.09 -15.79
C LYS A 175 -8.64 20.58 -16.12
N ASP A 176 -8.67 21.39 -15.05
CA ASP A 176 -8.77 22.82 -15.12
C ASP A 176 -7.55 23.50 -15.70
N ASP A 177 -6.40 22.84 -15.73
CA ASP A 177 -5.16 23.38 -16.33
C ASP A 177 -5.01 23.04 -17.82
N GLY A 178 -6.08 22.58 -18.45
CA GLY A 178 -6.09 22.42 -19.89
C GLY A 178 -5.41 21.14 -20.34
N SER A 179 -5.13 20.23 -19.41
CA SER A 179 -4.53 18.95 -19.74
C SER A 179 -5.45 17.78 -19.38
N LYS A 180 -5.23 16.66 -20.06
CA LYS A 180 -5.96 15.43 -19.76
C LYS A 180 -5.25 14.60 -18.69
N ARG A 181 -6.01 14.12 -17.71
CA ARG A 181 -5.51 13.10 -16.78
C ARG A 181 -5.87 11.73 -17.34
N THR A 182 -4.89 10.83 -17.42
CA THR A 182 -5.08 9.50 -17.98
C THR A 182 -4.85 8.37 -16.95
N GLY A 183 -5.65 7.32 -17.02
CA GLY A 183 -5.56 6.22 -16.07
C GLY A 183 -6.13 4.94 -16.61
N MET A 184 -6.30 3.95 -15.73
CA MET A 184 -6.88 2.67 -16.10
C MET A 184 -7.82 2.23 -14.99
N VAL A 185 -8.96 1.69 -15.41
CA VAL A 185 -9.90 1.08 -14.48
C VAL A 185 -9.27 -0.24 -14.03
N ILE A 186 -9.14 -0.43 -12.73
CA ILE A 186 -8.41 -1.62 -12.18
C ILE A 186 -9.25 -2.54 -11.34
N HIS A 187 -10.41 -2.08 -10.87
CA HIS A 187 -11.22 -2.91 -9.97
C HIS A 187 -12.69 -2.48 -10.08
N GLN A 188 -13.57 -3.48 -10.05
CA GLN A 188 -15.01 -3.25 -9.93
C GLN A 188 -15.44 -3.74 -8.55
N VAL A 189 -16.07 -2.86 -7.78
CA VAL A 189 -16.48 -3.16 -6.43
C VAL A 189 -17.62 -4.16 -6.44
N GLU A 190 -17.43 -5.31 -5.79
CA GLU A 190 -18.46 -6.35 -5.76
C GLU A 190 -19.76 -5.93 -5.08
N ALA A 191 -19.65 -5.22 -3.96
CA ALA A 191 -20.86 -4.79 -3.20
C ALA A 191 -21.67 -3.77 -3.97
N LYS A 192 -21.02 -3.02 -4.87
CA LYS A 192 -21.69 -1.99 -5.64
C LYS A 192 -21.06 -1.95 -7.02
N PRO A 193 -21.53 -2.81 -7.94
CA PRO A 193 -20.95 -3.02 -9.27
C PRO A 193 -20.84 -1.77 -10.17
N SER A 194 -21.52 -0.69 -9.82
CA SER A 194 -21.37 0.58 -10.53
C SER A 194 -20.18 1.39 -10.02
N VAL A 195 -19.55 0.94 -8.93
CA VAL A 195 -18.35 1.60 -8.37
C VAL A 195 -17.06 0.90 -8.79
N TYR A 196 -16.12 1.68 -9.29
CA TYR A 196 -14.85 1.20 -9.85
C TYR A 196 -13.68 1.90 -9.24
N PHE A 197 -12.56 1.21 -9.21
CA PHE A 197 -11.31 1.82 -8.76
C PHE A 197 -10.52 2.19 -10.03
N ILE A 198 -9.95 3.37 -10.02
CA ILE A 198 -9.14 3.86 -11.11
C ILE A 198 -7.78 4.26 -10.63
N LYS A 199 -6.75 3.79 -11.36
CA LYS A 199 -5.36 4.25 -11.14
C LYS A 199 -4.95 5.22 -12.25
N PHE A 200 -4.64 6.45 -11.89
CA PHE A 200 -4.17 7.46 -12.83
C PHE A 200 -2.65 7.37 -12.94
N ASP A 201 -2.13 7.61 -14.13
CA ASP A 201 -0.67 7.57 -14.36
C ASP A 201 0.16 8.51 -13.47
N ASP A 202 -0.42 9.62 -13.01
CA ASP A 202 0.34 10.67 -12.35
C ASP A 202 0.36 10.56 -10.80
N ASP A 203 -0.25 9.52 -10.25
CA ASP A 203 -0.51 9.49 -8.84
C ASP A 203 -0.64 8.08 -8.26
N PHE A 204 -0.29 7.90 -7.00
CA PHE A 204 -0.32 6.62 -6.33
C PHE A 204 -1.61 6.43 -5.49
N HIS A 205 -2.49 7.41 -5.41
CA HIS A 205 -3.79 7.22 -4.78
C HIS A 205 -4.69 6.44 -5.70
N ILE A 206 -5.66 5.74 -5.11
CA ILE A 206 -6.62 4.95 -5.87
C ILE A 206 -7.93 5.70 -5.87
N TYR A 207 -8.42 6.04 -7.06
CA TYR A 207 -9.59 6.92 -7.18
C TYR A 207 -10.85 6.13 -7.36
N VAL A 208 -11.87 6.49 -6.60
CA VAL A 208 -13.07 5.70 -6.57
C VAL A 208 -14.20 6.48 -7.27
N TYR A 209 -14.77 5.88 -8.32
CA TYR A 209 -15.87 6.53 -9.08
C TYR A 209 -17.11 5.64 -9.13
N ASP A 210 -18.27 6.20 -8.77
CA ASP A 210 -19.57 5.54 -8.91
C ASP A 210 -20.20 6.07 -10.18
N LEU A 211 -20.39 5.17 -11.15
CA LEU A 211 -20.74 5.57 -12.52
C LEU A 211 -22.20 5.89 -12.69
N VAL A 212 -23.02 5.59 -11.67
CA VAL A 212 -24.46 5.88 -11.75
C VAL A 212 -24.62 7.34 -11.35
N LYS A 213 -23.64 7.89 -10.63
CA LYS A 213 -23.73 9.20 -10.07
C LYS A 213 -23.27 10.14 -11.16
N THR A 214 -23.55 11.43 -10.96
CA THR A 214 -23.11 12.44 -11.91
C THR A 214 -21.59 12.60 -11.74
N SER A 215 -20.85 11.70 -12.42
CA SER A 215 -19.41 11.79 -12.58
C SER A 215 -19.13 11.56 -14.08
N ALA A 216 -20.00 12.13 -14.91
CA ALA A 216 -20.08 11.78 -16.32
C ALA A 216 -19.04 12.47 -17.20
N GLU A 217 -18.06 13.13 -16.59
CA GLU A 217 -16.99 13.76 -17.33
C GLU A 217 -15.82 12.78 -17.43
N ASN A 218 -16.08 11.51 -17.13
CA ASN A 218 -15.17 10.41 -17.48
C ASN A 218 -15.42 9.83 -18.82
N LEU A 219 -14.37 9.69 -19.60
CA LEU A 219 -14.45 9.10 -20.91
C LEU A 219 -13.66 7.77 -20.87
N TYR A 220 -14.31 6.67 -21.26
CA TYR A 220 -13.70 5.35 -21.33
C TYR A 220 -13.43 4.97 -22.77
N PHE A 221 -12.25 4.45 -23.02
CA PHE A 221 -11.92 3.89 -24.35
C PHE A 221 -12.13 2.40 -24.33
N GLY B 4 -17.94 -4.55 -24.72
CA GLY B 4 -18.25 -5.94 -24.27
C GLY B 4 -17.06 -6.87 -24.36
N ASN B 5 -17.30 -8.18 -24.30
CA ASN B 5 -16.26 -9.21 -24.26
C ASN B 5 -15.73 -9.61 -25.65
N ILE B 6 -14.46 -9.38 -25.93
CA ILE B 6 -13.92 -9.61 -27.28
C ILE B 6 -13.35 -11.02 -27.51
N VAL B 7 -13.31 -11.85 -26.47
CA VAL B 7 -12.81 -13.20 -26.67
C VAL B 7 -13.75 -13.94 -27.65
N GLY B 8 -13.16 -14.62 -28.61
CA GLY B 8 -13.93 -15.38 -29.58
C GLY B 8 -14.44 -14.48 -30.69
N CYS B 9 -14.01 -13.22 -30.72
CA CYS B 9 -14.46 -12.27 -31.75
C CYS B 9 -13.43 -12.06 -32.84
N ARG B 10 -13.92 -11.79 -34.04
CA ARG B 10 -13.11 -11.23 -35.11
C ARG B 10 -12.84 -9.76 -34.81
N ILE B 11 -11.60 -9.32 -34.95
CA ILE B 11 -11.22 -7.96 -34.62
C ILE B 11 -10.39 -7.37 -35.73
N GLN B 12 -10.32 -6.05 -35.74
CA GLN B 12 -9.36 -5.34 -36.55
C GLN B 12 -8.89 -4.10 -35.83
N HIS B 13 -7.69 -3.64 -36.17
CA HIS B 13 -7.13 -2.44 -35.53
C HIS B 13 -5.99 -1.93 -36.38
N GLY B 14 -5.60 -0.68 -36.14
CA GLY B 14 -4.39 -0.13 -36.67
C GLY B 14 -3.20 -0.56 -35.84
N TRP B 15 -2.05 -0.57 -36.47
CA TRP B 15 -0.80 -0.97 -35.85
C TRP B 15 0.27 -0.05 -36.37
N LYS B 16 1.00 0.55 -35.47
CA LYS B 16 2.13 1.39 -35.86
C LYS B 16 3.18 1.28 -34.80
N ASP B 17 4.30 0.69 -35.16
CA ASP B 17 5.42 0.51 -34.23
C ASP B 17 6.52 1.46 -34.66
N GLY B 18 6.76 2.46 -33.84
CA GLY B 18 7.83 3.41 -34.08
C GLY B 18 7.55 4.28 -35.26
N ASP B 19 8.49 4.29 -36.22
CA ASP B 19 8.34 5.14 -37.42
C ASP B 19 7.97 4.41 -38.71
N GLU B 20 7.55 3.14 -38.57
CA GLU B 20 7.01 2.38 -39.69
C GLU B 20 5.65 2.97 -40.06
N PRO B 21 5.24 2.81 -41.33
CA PRO B 21 3.87 3.19 -41.73
C PRO B 21 2.81 2.41 -40.97
N LEU B 22 1.64 3.04 -40.80
CA LEU B 22 0.54 2.39 -40.10
C LEU B 22 -0.02 1.25 -40.97
N THR B 23 -0.29 0.09 -40.37
CA THR B 23 -0.90 -1.04 -41.12
C THR B 23 -2.26 -1.38 -40.45
N GLN B 24 -3.06 -2.16 -41.14
CA GLN B 24 -4.36 -2.62 -40.63
C GLN B 24 -4.29 -4.12 -40.39
N TRP B 25 -4.45 -4.50 -39.14
CA TRP B 25 -4.36 -5.91 -38.74
C TRP B 25 -5.74 -6.46 -38.62
N LYS B 26 -5.89 -7.75 -38.90
CA LYS B 26 -7.18 -8.42 -38.73
C LYS B 26 -6.92 -9.82 -38.21
N GLY B 27 -7.71 -10.25 -37.21
CA GLY B 27 -7.48 -11.51 -36.55
C GLY B 27 -8.66 -12.02 -35.76
N THR B 28 -8.42 -13.11 -35.06
CA THR B 28 -9.44 -13.72 -34.18
C THR B 28 -8.86 -13.82 -32.76
N VAL B 29 -9.62 -13.30 -31.76
CA VAL B 29 -9.19 -13.37 -30.36
C VAL B 29 -9.50 -14.73 -29.75
N LEU B 30 -8.45 -15.44 -29.35
CA LEU B 30 -8.53 -16.82 -28.89
C LEU B 30 -8.82 -16.92 -27.39
N ASP B 31 -8.33 -15.95 -26.62
CA ASP B 31 -8.33 -16.10 -25.18
C ASP B 31 -7.92 -14.78 -24.51
N GLN B 32 -8.41 -14.58 -23.29
CA GLN B 32 -8.02 -13.49 -22.41
C GLN B 32 -7.35 -14.21 -21.23
N VAL B 33 -6.11 -13.89 -20.99
CA VAL B 33 -5.32 -14.65 -20.05
C VAL B 33 -5.80 -14.43 -18.61
N PRO B 34 -6.12 -15.50 -17.89
CA PRO B 34 -6.71 -15.37 -16.54
C PRO B 34 -5.81 -14.69 -15.53
N VAL B 35 -4.51 -14.97 -15.60
CA VAL B 35 -3.57 -14.31 -14.69
C VAL B 35 -3.25 -12.86 -15.07
N ASN B 36 -3.65 -12.45 -16.28
CA ASN B 36 -3.52 -11.07 -16.71
C ASN B 36 -4.62 -10.79 -17.73
N PRO B 37 -5.79 -10.36 -17.25
CA PRO B 37 -6.91 -9.99 -18.12
C PRO B 37 -6.65 -8.87 -19.14
N SER B 38 -5.52 -8.15 -19.05
CA SER B 38 -5.19 -7.17 -20.06
C SER B 38 -4.65 -7.85 -21.29
N LEU B 39 -4.15 -9.07 -21.12
CA LEU B 39 -3.45 -9.80 -22.15
C LEU B 39 -4.39 -10.73 -22.89
N TYR B 40 -4.40 -10.59 -24.21
CA TYR B 40 -5.17 -11.45 -25.07
C TYR B 40 -4.25 -12.25 -26.00
N LEU B 41 -4.69 -13.44 -26.36
CA LEU B 41 -4.00 -14.26 -27.36
C LEU B 41 -4.82 -14.18 -28.65
N ILE B 42 -4.16 -13.79 -29.75
CA ILE B 42 -4.84 -13.51 -31.00
C ILE B 42 -4.19 -14.29 -32.15
N LYS B 43 -5.00 -14.88 -33.01
CA LYS B 43 -4.51 -15.42 -34.29
C LYS B 43 -4.84 -14.45 -35.42
N TYR B 44 -3.82 -13.79 -35.92
CA TYR B 44 -3.99 -12.79 -36.95
C TYR B 44 -3.96 -13.52 -38.28
N ASP B 45 -4.71 -12.98 -39.22
CA ASP B 45 -4.88 -13.62 -40.52
C ASP B 45 -3.52 -13.75 -41.23
N GLY B 46 -3.11 -14.97 -41.52
CA GLY B 46 -1.88 -15.23 -42.26
C GLY B 46 -0.60 -15.17 -41.41
N PHE B 47 -0.73 -15.05 -40.09
CA PHE B 47 0.45 -15.06 -39.23
C PHE B 47 0.65 -16.49 -38.75
N ASP B 48 1.88 -17.00 -38.84
CA ASP B 48 2.28 -18.34 -38.37
C ASP B 48 2.12 -18.52 -36.85
N CYS B 49 2.42 -17.46 -36.10
CA CYS B 49 2.52 -17.51 -34.67
C CYS B 49 1.39 -16.80 -33.95
N VAL B 50 1.00 -17.34 -32.81
CA VAL B 50 0.01 -16.69 -31.92
C VAL B 50 0.70 -15.51 -31.22
N TYR B 51 0.00 -14.39 -31.17
CA TYR B 51 0.49 -13.21 -30.51
C TYR B 51 -0.24 -13.04 -29.22
N GLY B 52 0.51 -12.63 -28.22
CA GLY B 52 -0.07 -12.04 -27.02
C GLY B 52 0.07 -10.54 -27.10
N LEU B 53 -1.04 -9.82 -27.10
CA LEU B 53 -1.03 -8.34 -27.05
C LEU B 53 -1.96 -7.84 -25.94
N GLU B 54 -1.51 -6.81 -25.24
CA GLU B 54 -2.39 -6.08 -24.38
C GLU B 54 -3.17 -5.08 -25.22
N LEU B 55 -4.28 -5.55 -25.78
CA LEU B 55 -4.95 -4.82 -26.87
C LEU B 55 -5.46 -3.43 -26.49
N HIS B 56 -5.80 -3.24 -25.22
CA HIS B 56 -6.34 -1.95 -24.73
C HIS B 56 -5.26 -1.08 -24.14
N ARG B 57 -4.14 -1.67 -23.70
CA ARG B 57 -3.04 -0.92 -23.12
C ARG B 57 -1.90 -0.57 -24.09
N ASP B 58 -1.78 -1.31 -25.20
CA ASP B 58 -0.63 -1.16 -26.09
C ASP B 58 -0.80 0.06 -26.99
N GLU B 59 0.20 0.92 -26.96
CA GLU B 59 0.17 2.21 -27.64
C GLU B 59 0.27 2.03 -29.16
N ARG B 60 0.84 0.90 -29.56
CA ARG B 60 0.92 0.58 -31.01
C ARG B 60 -0.44 0.23 -31.63
N VAL B 61 -1.41 -0.16 -30.79
CA VAL B 61 -2.73 -0.55 -31.24
C VAL B 61 -3.66 0.69 -31.25
N SER B 62 -4.36 0.91 -32.36
CA SER B 62 -5.34 1.97 -32.49
C SER B 62 -6.63 1.51 -33.19
N SER B 63 -7.70 2.26 -32.97
CA SER B 63 -9.00 2.04 -33.64
C SER B 63 -9.51 0.61 -33.51
N LEU B 64 -9.27 -0.02 -32.35
CA LEU B 64 -9.65 -1.39 -32.11
C LEU B 64 -11.17 -1.61 -32.19
N GLU B 65 -11.58 -2.56 -33.02
CA GLU B 65 -12.98 -2.80 -33.19
C GLU B 65 -13.21 -4.27 -33.32
N VAL B 66 -14.37 -4.72 -32.90
CA VAL B 66 -14.81 -6.08 -33.25
C VAL B 66 -15.56 -6.01 -34.58
N LEU B 67 -15.50 -7.08 -35.35
CA LEU B 67 -16.09 -7.07 -36.68
C LEU B 67 -17.46 -7.70 -36.61
N PRO B 68 -18.33 -7.30 -37.56
CA PRO B 68 -19.62 -7.99 -37.64
C PRO B 68 -19.44 -9.46 -38.06
N ASN B 69 -18.40 -9.72 -38.84
CA ASN B 69 -18.07 -11.09 -39.27
C ASN B 69 -17.95 -12.11 -38.14
N ARG B 70 -18.40 -13.32 -38.42
CA ARG B 70 -18.40 -14.40 -37.46
C ARG B 70 -17.15 -15.25 -37.69
N VAL B 71 -16.77 -15.98 -36.66
CA VAL B 71 -15.63 -16.88 -36.69
C VAL B 71 -16.09 -18.15 -37.39
N ALA B 72 -15.35 -18.61 -38.38
CA ALA B 72 -15.72 -19.84 -39.11
C ALA B 72 -15.70 -21.04 -38.16
N SER B 73 -16.86 -21.69 -38.01
CA SER B 73 -17.01 -22.84 -37.16
C SER B 73 -17.97 -23.88 -37.70
N ALA B 82 -7.47 -35.76 -33.83
CA ALA B 82 -7.22 -34.54 -33.03
C ALA B 82 -6.84 -34.87 -31.60
N GLU B 83 -7.67 -35.70 -30.97
CA GLU B 83 -7.35 -36.25 -29.65
C GLU B 83 -5.99 -36.99 -29.63
N ILE B 84 -5.69 -37.74 -30.70
CA ILE B 84 -4.44 -38.51 -30.78
C ILE B 84 -3.18 -37.64 -30.85
N MET B 85 -3.26 -36.56 -31.64
CA MET B 85 -2.10 -35.67 -31.91
C MET B 85 -1.67 -34.74 -30.75
N VAL B 86 -2.65 -34.22 -30.02
CA VAL B 86 -2.40 -33.40 -28.85
C VAL B 86 -1.45 -34.12 -27.88
N GLY B 87 -0.30 -33.51 -27.65
CA GLY B 87 0.75 -34.05 -26.76
C GLY B 87 1.89 -34.77 -27.46
N LYS B 88 1.68 -35.14 -28.72
CA LYS B 88 2.64 -35.97 -29.43
C LYS B 88 3.79 -35.13 -29.96
N ALA B 89 4.98 -35.71 -29.89
CA ALA B 89 6.10 -35.17 -30.62
C ALA B 89 5.85 -35.53 -32.10
N VAL B 90 6.11 -34.55 -32.97
CA VAL B 90 5.85 -34.70 -34.39
C VAL B 90 7.01 -34.19 -35.24
N GLU B 91 7.03 -34.59 -36.50
CA GLU B 91 7.90 -33.93 -37.50
C GLU B 91 7.02 -33.31 -38.53
N HIS B 92 7.15 -32.00 -38.67
CA HIS B 92 6.27 -31.21 -39.49
C HIS B 92 7.00 -30.70 -40.73
N ILE B 93 6.46 -31.02 -41.88
CA ILE B 93 6.93 -30.49 -43.13
C ILE B 93 6.11 -29.30 -43.58
N PHE B 94 6.76 -28.15 -43.64
CA PHE B 94 6.33 -27.09 -44.54
C PHE B 94 7.14 -27.24 -45.83
N SER B 100 10.40 -19.98 -46.32
CA SER B 100 11.31 -21.05 -45.96
C SER B 100 10.57 -22.34 -45.69
N LYS B 101 10.93 -23.42 -46.40
CA LYS B 101 10.24 -24.71 -46.25
C LYS B 101 10.94 -25.47 -45.16
N ASN B 102 10.25 -25.72 -44.05
CA ASN B 102 10.86 -26.43 -42.92
C ASN B 102 10.48 -27.90 -42.90
N GLU B 103 11.42 -28.73 -42.43
CA GLU B 103 11.12 -30.08 -41.95
C GLU B 103 11.61 -30.12 -40.52
N TRP B 104 10.70 -29.91 -39.57
CA TRP B 104 11.05 -29.62 -38.18
C TRP B 104 10.42 -30.55 -37.18
N ARG B 105 11.17 -30.85 -36.13
CA ARG B 105 10.72 -31.65 -35.03
C ARG B 105 9.98 -30.76 -34.05
N GLY B 106 8.76 -31.13 -33.72
CA GLY B 106 7.99 -30.31 -32.80
C GLY B 106 7.07 -31.10 -31.93
N MET B 107 6.16 -30.36 -31.30
CA MET B 107 5.20 -30.98 -30.43
C MET B 107 3.85 -30.31 -30.60
N VAL B 108 2.79 -31.13 -30.70
CA VAL B 108 1.43 -30.60 -30.73
C VAL B 108 1.02 -30.36 -29.30
N LEU B 109 0.69 -29.10 -29.00
CA LEU B 109 0.42 -28.70 -27.64
C LEU B 109 -1.03 -28.91 -27.21
N ALA B 110 -1.95 -28.56 -28.10
CA ALA B 110 -3.35 -28.51 -27.81
C ALA B 110 -4.14 -28.19 -29.10
N GLN B 111 -5.43 -28.53 -29.09
CA GLN B 111 -6.35 -27.93 -30.04
C GLN B 111 -6.57 -26.45 -29.61
N ALA B 112 -6.49 -25.50 -30.54
CA ALA B 112 -6.64 -24.09 -30.20
C ALA B 112 -8.06 -23.78 -29.76
N PRO B 113 -8.23 -22.86 -28.78
CA PRO B 113 -9.57 -22.34 -28.48
C PRO B 113 -10.17 -21.56 -29.67
N VAL B 114 -11.51 -21.50 -29.70
CA VAL B 114 -12.25 -20.65 -30.63
C VAL B 114 -12.17 -21.13 -32.06
N MET B 115 -10.96 -21.34 -32.58
CA MET B 115 -10.82 -21.77 -33.95
C MET B 115 -10.64 -23.30 -33.95
N ASN B 116 -11.71 -23.99 -34.30
CA ASN B 116 -11.78 -25.44 -34.02
C ASN B 116 -10.67 -26.30 -34.62
N THR B 117 -10.42 -26.16 -35.90
CA THR B 117 -9.57 -27.14 -36.60
C THR B 117 -8.10 -26.72 -36.59
N TRP B 118 -7.77 -25.77 -35.72
CA TRP B 118 -6.42 -25.25 -35.58
C TRP B 118 -5.81 -25.82 -34.33
N PHE B 119 -4.49 -25.94 -34.34
CA PHE B 119 -3.75 -26.52 -33.24
C PHE B 119 -2.60 -25.65 -32.81
N TYR B 120 -2.38 -25.57 -31.50
CA TYR B 120 -1.14 -25.07 -30.94
C TYR B 120 0.00 -26.05 -31.17
N ILE B 121 1.09 -25.56 -31.75
CA ILE B 121 2.26 -26.37 -32.00
C ILE B 121 3.49 -25.51 -31.74
N THR B 122 4.56 -26.14 -31.29
CA THR B 122 5.85 -25.47 -31.14
C THR B 122 6.97 -26.39 -31.67
N TYR B 123 8.11 -25.81 -31.93
CA TYR B 123 9.23 -26.52 -32.50
C TYR B 123 10.49 -26.35 -31.65
N GLU B 124 11.33 -27.38 -31.63
CA GLU B 124 12.63 -27.27 -30.93
C GLU B 124 13.59 -26.25 -31.54
N LYS B 125 13.53 -26.04 -32.85
CA LYS B 125 14.33 -24.99 -33.50
C LYS B 125 13.76 -23.57 -33.31
N ASP B 126 12.48 -23.46 -32.98
CA ASP B 126 11.81 -22.17 -32.75
C ASP B 126 10.72 -22.40 -31.70
N PRO B 127 11.10 -22.36 -30.41
CA PRO B 127 10.18 -22.64 -29.31
C PRO B 127 9.23 -21.46 -28.94
N VAL B 128 8.41 -21.05 -29.91
CA VAL B 128 7.30 -20.13 -29.70
C VAL B 128 6.01 -20.82 -30.12
N LEU B 129 4.89 -20.19 -29.81
CA LEU B 129 3.58 -20.76 -30.13
C LEU B 129 3.15 -20.49 -31.58
N TYR B 130 3.11 -21.56 -32.38
CA TYR B 130 2.56 -21.53 -33.72
C TYR B 130 1.17 -22.09 -33.73
N MET B 131 0.45 -21.87 -34.82
CA MET B 131 -0.93 -22.31 -34.91
C MET B 131 -1.30 -22.68 -36.34
N TYR B 132 -1.63 -23.93 -36.55
CA TYR B 132 -1.81 -24.49 -37.90
C TYR B 132 -2.95 -25.47 -37.95
N GLN B 133 -3.45 -25.68 -39.18
CA GLN B 133 -4.46 -26.70 -39.40
C GLN B 133 -3.77 -28.00 -39.68
N LEU B 134 -3.47 -28.73 -38.61
CA LEU B 134 -2.56 -29.87 -38.70
C LEU B 134 -3.21 -31.12 -39.27
N LEU B 135 -4.52 -31.24 -39.11
CA LEU B 135 -5.25 -32.40 -39.64
C LEU B 135 -5.23 -32.39 -41.15
N ASP B 136 -5.06 -31.21 -41.74
CA ASP B 136 -4.89 -31.07 -43.20
C ASP B 136 -3.49 -31.45 -43.66
N ASP B 137 -2.47 -31.07 -42.89
CA ASP B 137 -1.08 -31.45 -43.19
C ASP B 137 -0.83 -32.96 -42.85
N TYR B 138 -1.69 -33.53 -42.03
CA TYR B 138 -1.57 -34.95 -41.70
C TYR B 138 -1.97 -35.87 -42.84
N LYS B 139 -3.05 -35.51 -43.53
CA LYS B 139 -3.51 -36.26 -44.67
C LYS B 139 -2.60 -36.07 -45.88
N ASP B 140 -2.06 -34.86 -46.05
CA ASP B 140 -1.12 -34.56 -47.13
C ASP B 140 0.17 -35.35 -47.01
N GLY B 141 0.45 -35.88 -45.82
CA GLY B 141 1.68 -36.61 -45.54
C GLY B 141 2.77 -35.74 -44.91
N ASP B 142 2.41 -34.50 -44.57
CA ASP B 142 3.38 -33.49 -44.16
C ASP B 142 3.57 -33.54 -42.66
N LEU B 143 2.78 -34.35 -41.94
CA LEU B 143 2.90 -34.42 -40.49
C LEU B 143 3.06 -35.89 -40.04
N ARG B 144 4.14 -36.16 -39.32
CA ARG B 144 4.45 -37.51 -38.85
C ARG B 144 4.35 -37.54 -37.34
N ILE B 145 3.47 -38.38 -36.81
CA ILE B 145 3.34 -38.52 -35.36
C ILE B 145 4.40 -39.49 -34.86
N LEU B 146 5.18 -39.05 -33.88
CA LEU B 146 6.29 -39.85 -33.37
C LEU B 146 5.90 -40.58 -32.08
N GLN B 147 6.70 -41.61 -31.80
CA GLN B 147 6.51 -42.50 -30.68
C GLN B 147 6.63 -41.73 -29.36
N LEU B 166 2.81 -23.06 -11.28
CA LEU B 166 3.76 -22.00 -11.69
C LEU B 166 3.16 -20.82 -12.46
N VAL B 167 1.93 -21.03 -12.92
CA VAL B 167 1.19 -20.06 -13.72
C VAL B 167 0.90 -18.81 -12.89
N GLY B 168 1.21 -17.65 -13.44
CA GLY B 168 1.02 -16.39 -12.73
C GLY B 168 2.29 -15.88 -12.09
N LYS B 169 3.32 -16.72 -12.03
CA LYS B 169 4.60 -16.34 -11.46
C LYS B 169 5.42 -15.54 -12.45
N GLN B 170 6.13 -14.54 -11.95
CA GLN B 170 7.05 -13.77 -12.77
C GLN B 170 8.24 -14.64 -13.10
N VAL B 171 8.93 -14.34 -14.20
CA VAL B 171 10.16 -15.06 -14.59
C VAL B 171 11.15 -14.12 -15.22
N GLU B 172 12.40 -14.52 -15.20
CA GLU B 172 13.47 -13.72 -15.74
C GLU B 172 14.64 -14.59 -16.18
N TYR B 173 15.33 -14.18 -17.23
CA TYR B 173 16.65 -14.75 -17.56
C TYR B 173 17.54 -13.66 -18.15
N ALA B 174 18.85 -13.76 -17.88
CA ALA B 174 19.80 -12.73 -18.32
C ALA B 174 20.24 -12.96 -19.75
N LYS B 175 20.04 -11.95 -20.59
CA LYS B 175 20.41 -12.04 -21.99
C LYS B 175 21.95 -11.97 -22.12
N ASP B 176 22.47 -12.29 -23.29
CA ASP B 176 23.94 -12.28 -23.53
C ASP B 176 24.57 -10.91 -23.26
N ASP B 177 23.85 -9.86 -23.61
CA ASP B 177 24.34 -8.47 -23.42
C ASP B 177 24.41 -7.99 -21.96
N GLY B 178 23.98 -8.85 -21.03
CA GLY B 178 23.90 -8.54 -19.61
C GLY B 178 22.57 -7.93 -19.20
N SER B 179 21.59 -7.90 -20.11
CA SER B 179 20.25 -7.43 -19.77
C SER B 179 19.36 -8.55 -19.20
N LYS B 180 18.42 -8.17 -18.32
CA LYS B 180 17.41 -9.10 -17.81
C LYS B 180 16.16 -9.07 -18.69
N ARG B 181 15.73 -10.24 -19.14
CA ARG B 181 14.46 -10.38 -19.83
C ARG B 181 13.41 -10.82 -18.82
N THR B 182 12.34 -10.06 -18.70
CA THR B 182 11.30 -10.31 -17.71
C THR B 182 9.97 -10.67 -18.34
N GLY B 183 9.27 -11.61 -17.71
CA GLY B 183 8.01 -12.08 -18.23
C GLY B 183 7.16 -12.71 -17.16
N MET B 184 6.10 -13.38 -17.60
CA MET B 184 5.22 -14.09 -16.69
C MET B 184 4.75 -15.39 -17.28
N VAL B 185 4.64 -16.43 -16.45
CA VAL B 185 4.09 -17.70 -16.86
C VAL B 185 2.59 -17.54 -16.97
N ILE B 186 2.02 -17.86 -18.11
CA ILE B 186 0.59 -17.58 -18.36
C ILE B 186 -0.26 -18.80 -18.60
N HIS B 187 0.38 -19.94 -18.87
CA HIS B 187 -0.33 -21.15 -19.22
C HIS B 187 0.45 -22.47 -19.09
N GLN B 188 -0.09 -23.41 -18.33
CA GLN B 188 0.49 -24.71 -18.16
C GLN B 188 -0.23 -25.63 -19.12
N VAL B 189 0.52 -26.26 -19.99
CA VAL B 189 -0.06 -27.15 -21.00
C VAL B 189 -0.60 -28.45 -20.34
N GLU B 190 -1.88 -28.71 -20.54
CA GLU B 190 -2.55 -29.83 -19.85
C GLU B 190 -2.08 -31.17 -20.33
N ALA B 191 -1.73 -31.26 -21.62
CA ALA B 191 -1.24 -32.50 -22.24
C ALA B 191 0.21 -32.83 -21.86
N LYS B 192 0.97 -31.84 -21.44
CA LYS B 192 2.34 -32.00 -20.95
C LYS B 192 2.66 -30.98 -19.87
N PRO B 193 2.37 -31.33 -18.60
CA PRO B 193 2.34 -30.40 -17.45
C PRO B 193 3.67 -29.74 -17.12
N SER B 194 4.78 -30.25 -17.68
CA SER B 194 6.07 -29.62 -17.51
C SER B 194 6.28 -28.50 -18.55
N VAL B 195 5.35 -28.34 -19.48
CA VAL B 195 5.43 -27.32 -20.51
C VAL B 195 4.52 -26.14 -20.20
N TYR B 196 5.10 -24.94 -20.25
CA TYR B 196 4.42 -23.72 -19.89
C TYR B 196 4.54 -22.68 -21.01
N PHE B 197 3.55 -21.78 -21.08
CA PHE B 197 3.61 -20.65 -21.95
C PHE B 197 4.09 -19.46 -21.14
N ILE B 198 5.04 -18.72 -21.71
CA ILE B 198 5.57 -17.53 -21.08
C ILE B 198 5.42 -16.32 -21.98
N LYS B 199 4.93 -15.21 -21.40
CA LYS B 199 4.89 -13.94 -22.10
C LYS B 199 5.93 -13.00 -21.55
N PHE B 200 6.89 -12.61 -22.39
CA PHE B 200 7.91 -11.64 -21.99
C PHE B 200 7.48 -10.23 -22.29
N ASP B 201 7.87 -9.28 -21.45
CA ASP B 201 7.43 -7.88 -21.54
C ASP B 201 7.75 -7.20 -22.86
N ASP B 202 8.82 -7.63 -23.50
CA ASP B 202 9.38 -6.90 -24.63
C ASP B 202 8.96 -7.47 -26.03
N ASP B 203 8.10 -8.47 -26.04
CA ASP B 203 7.81 -9.24 -27.27
C ASP B 203 6.41 -9.78 -27.23
N PHE B 204 5.80 -9.88 -28.41
CA PHE B 204 4.44 -10.37 -28.54
C PHE B 204 4.37 -11.85 -28.92
N HIS B 205 5.48 -12.54 -29.07
CA HIS B 205 5.40 -13.99 -29.25
C HIS B 205 5.12 -14.68 -27.92
N ILE B 206 4.56 -15.88 -27.99
CA ILE B 206 4.34 -16.69 -26.80
C ILE B 206 5.41 -17.75 -26.74
N TYR B 207 6.23 -17.74 -25.68
CA TYR B 207 7.41 -18.62 -25.58
C TYR B 207 7.04 -19.87 -24.84
N VAL B 208 7.37 -21.00 -25.44
CA VAL B 208 6.99 -22.29 -24.91
C VAL B 208 8.25 -22.90 -24.28
N TYR B 209 8.22 -23.11 -22.96
CA TYR B 209 9.33 -23.72 -22.23
C TYR B 209 8.91 -25.04 -21.58
N ASP B 210 9.71 -26.09 -21.83
CA ASP B 210 9.56 -27.38 -21.15
C ASP B 210 10.61 -27.35 -20.01
N LEU B 211 10.16 -27.44 -18.74
CA LEU B 211 11.04 -27.32 -17.58
C LEU B 211 12.03 -28.49 -17.43
N VAL B 212 11.79 -29.57 -18.17
CA VAL B 212 12.82 -30.61 -18.24
C VAL B 212 14.08 -30.03 -18.97
N LYS B 213 13.81 -29.22 -19.99
CA LYS B 213 14.82 -28.76 -20.94
C LYS B 213 15.51 -27.49 -20.52
N THR B 214 15.08 -26.86 -19.43
CA THR B 214 15.64 -25.59 -18.92
C THR B 214 16.38 -25.69 -17.55
N SER B 215 17.13 -24.64 -17.20
CA SER B 215 17.91 -24.60 -15.97
C SER B 215 17.69 -23.34 -15.16
N ALA B 216 18.18 -23.33 -13.91
CA ALA B 216 18.06 -22.17 -13.02
C ALA B 216 19.05 -21.03 -13.35
N GLU B 217 19.63 -21.08 -14.55
CA GLU B 217 20.32 -19.93 -15.14
C GLU B 217 19.41 -19.26 -16.15
N ASN B 218 18.14 -19.62 -16.14
CA ASN B 218 17.12 -18.86 -16.79
C ASN B 218 15.75 -19.12 -16.13
N LEU B 219 15.58 -18.67 -14.87
CA LEU B 219 14.43 -19.06 -14.06
C LEU B 219 13.85 -17.99 -13.10
N TYR B 220 12.60 -18.25 -12.70
CA TYR B 220 11.98 -17.75 -11.49
C TYR B 220 10.82 -18.71 -11.18
N ARG C 3 23.30 -31.89 18.94
CA ARG C 3 22.82 -31.18 20.15
C ARG C 3 21.46 -30.55 19.83
N GLY C 4 20.68 -30.22 20.85
CA GLY C 4 21.05 -30.04 22.28
C GLY C 4 19.84 -29.30 22.77
N ASN C 5 19.95 -28.65 23.92
CA ASN C 5 18.81 -27.91 24.48
C ASN C 5 18.82 -26.42 24.06
N ILE C 6 17.83 -26.05 23.26
CA ILE C 6 17.77 -24.71 22.69
C ILE C 6 17.00 -23.68 23.55
N VAL C 7 16.44 -24.09 24.67
CA VAL C 7 15.74 -23.15 25.53
C VAL C 7 16.74 -22.14 26.10
N GLY C 8 16.37 -20.89 26.08
CA GLY C 8 17.23 -19.82 26.54
C GLY C 8 18.33 -19.49 25.54
N CYS C 9 18.23 -20.02 24.33
CA CYS C 9 19.19 -19.72 23.23
C CYS C 9 18.67 -18.71 22.20
N ARG C 10 19.59 -17.89 21.68
CA ARG C 10 19.37 -17.13 20.47
C ARG C 10 19.34 -18.10 19.29
N ILE C 11 18.33 -18.00 18.43
CA ILE C 11 18.18 -18.91 17.29
C ILE C 11 17.94 -18.11 16.01
N GLN C 12 18.20 -18.75 14.87
CA GLN C 12 17.76 -18.25 13.61
C GLN C 12 17.36 -19.42 12.73
N HIS C 13 16.48 -19.15 11.80
CA HIS C 13 16.01 -20.17 10.86
C HIS C 13 15.40 -19.50 9.70
N GLY C 14 15.24 -20.26 8.62
CA GLY C 14 14.49 -19.80 7.48
C GLY C 14 13.02 -20.04 7.74
N TRP C 15 12.19 -19.27 7.08
CA TRP C 15 10.74 -19.39 7.18
C TRP C 15 10.18 -19.22 5.78
N LYS C 16 9.32 -20.14 5.38
CA LYS C 16 8.60 -20.02 4.10
C LYS C 16 7.23 -20.63 4.22
N ASP C 17 6.23 -19.77 4.22
CA ASP C 17 4.85 -20.24 4.34
C ASP C 17 4.23 -20.14 2.97
N GLY C 18 3.94 -21.28 2.37
CA GLY C 18 3.27 -21.31 1.09
C GLY C 18 4.17 -20.78 0.02
N ASP C 19 3.69 -19.78 -0.72
CA ASP C 19 4.37 -19.30 -1.93
C ASP C 19 4.97 -17.89 -1.76
N GLU C 20 4.96 -17.43 -0.51
CA GLU C 20 5.70 -16.26 -0.14
C GLU C 20 7.20 -16.52 -0.23
N PRO C 21 8.01 -15.46 -0.44
CA PRO C 21 9.48 -15.59 -0.36
C PRO C 21 9.99 -16.06 1.01
N LEU C 22 11.10 -16.79 0.98
CA LEU C 22 11.70 -17.27 2.22
C LEU C 22 12.26 -16.07 2.97
N THR C 23 11.97 -15.99 4.24
CA THR C 23 12.57 -14.92 5.09
C THR C 23 13.46 -15.55 6.16
N GLN C 24 14.25 -14.71 6.81
N GLN C 24 14.23 -14.72 6.83
CA GLN C 24 15.14 -15.17 7.87
CA GLN C 24 15.11 -15.12 7.89
C GLN C 24 14.62 -14.61 9.19
C GLN C 24 14.59 -14.61 9.20
N TRP C 25 14.32 -15.53 10.12
CA TRP C 25 13.74 -15.16 11.42
C TRP C 25 14.84 -15.30 12.43
N LYS C 26 14.86 -14.38 13.36
CA LYS C 26 15.85 -14.43 14.41
C LYS C 26 15.09 -14.14 15.70
N GLY C 27 15.40 -14.89 16.76
CA GLY C 27 14.66 -14.76 18.01
C GLY C 27 15.31 -15.42 19.17
N THR C 28 14.59 -15.41 20.28
CA THR C 28 15.07 -16.01 21.52
C THR C 28 14.06 -17.01 22.01
N VAL C 29 14.53 -18.24 22.28
CA VAL C 29 13.65 -19.30 22.80
C VAL C 29 13.41 -19.16 24.31
N LEU C 30 12.14 -19.02 24.68
CA LEU C 30 11.75 -18.73 26.05
C LEU C 30 11.48 -19.97 26.86
N ASP C 31 11.00 -21.01 26.22
CA ASP C 31 10.44 -22.17 26.92
C ASP C 31 10.18 -23.30 25.94
N GLN C 32 10.25 -24.52 26.46
CA GLN C 32 9.79 -25.72 25.80
C GLN C 32 8.61 -26.19 26.65
N VAL C 33 7.45 -26.32 26.02
CA VAL C 33 6.21 -26.58 26.74
C VAL C 33 6.23 -28.01 27.36
N PRO C 34 6.07 -28.14 28.67
CA PRO C 34 6.11 -29.45 29.35
C PRO C 34 5.09 -30.45 28.86
N VAL C 35 3.88 -29.99 28.54
CA VAL C 35 2.85 -30.92 28.00
C VAL C 35 3.04 -31.27 26.53
N ASN C 36 3.89 -30.54 25.85
CA ASN C 36 4.24 -30.83 24.47
C ASN C 36 5.65 -30.36 24.21
N PRO C 37 6.64 -31.22 24.44
CA PRO C 37 8.05 -30.88 24.26
C PRO C 37 8.49 -30.57 22.80
N SER C 38 7.61 -30.85 21.84
CA SER C 38 7.86 -30.41 20.46
C SER C 38 7.61 -28.94 20.31
N LEU C 39 6.81 -28.38 21.19
CA LEU C 39 6.38 -26.96 21.10
C LEU C 39 7.27 -26.04 21.94
N TYR C 40 7.74 -24.99 21.29
CA TYR C 40 8.60 -23.97 21.91
C TYR C 40 7.94 -22.61 21.84
N LEU C 41 8.15 -21.79 22.89
CA LEU C 41 7.68 -20.42 22.88
C LEU C 41 8.89 -19.54 22.56
N ILE C 42 8.75 -18.69 21.54
CA ILE C 42 9.85 -17.86 21.04
C ILE C 42 9.45 -16.38 20.98
N LYS C 43 10.36 -15.48 21.38
CA LYS C 43 10.25 -14.06 21.12
C LYS C 43 11.15 -13.68 19.96
N TYR C 44 10.55 -13.43 18.81
CA TYR C 44 11.28 -13.09 17.65
C TYR C 44 11.56 -11.62 17.67
N ASP C 45 12.67 -11.23 17.06
CA ASP C 45 13.14 -9.83 17.14
C ASP C 45 12.14 -8.93 16.45
N GLY C 46 11.56 -7.99 17.21
CA GLY C 46 10.63 -7.00 16.66
C GLY C 46 9.19 -7.47 16.53
N PHE C 47 8.89 -8.69 16.99
CA PHE C 47 7.53 -9.19 16.89
C PHE C 47 6.86 -8.81 18.22
N ASP C 48 5.66 -8.21 18.15
CA ASP C 48 4.84 -7.87 19.34
C ASP C 48 4.45 -9.11 20.13
N CYS C 49 4.11 -10.18 19.44
CA CYS C 49 3.51 -11.36 20.07
C CYS C 49 4.46 -12.54 20.22
N VAL C 50 4.28 -13.31 21.29
CA VAL C 50 5.03 -14.56 21.53
C VAL C 50 4.45 -15.62 20.57
N TYR C 51 5.34 -16.32 19.89
CA TYR C 51 4.95 -17.42 19.02
C TYR C 51 5.24 -18.75 19.62
N GLY C 52 4.30 -19.67 19.39
CA GLY C 52 4.50 -21.09 19.67
C GLY C 52 4.72 -21.84 18.36
N LEU C 53 5.91 -22.39 18.18
CA LEU C 53 6.24 -23.15 16.99
C LEU C 53 6.83 -24.49 17.38
N GLU C 54 6.38 -25.54 16.68
CA GLU C 54 7.07 -26.80 16.74
C GLU C 54 8.27 -26.71 15.83
N LEU C 55 9.35 -26.16 16.38
CA LEU C 55 10.53 -25.76 15.60
C LEU C 55 11.18 -26.89 14.79
N HIS C 56 11.04 -28.13 15.24
CA HIS C 56 11.62 -29.27 14.53
C HIS C 56 10.65 -29.97 13.61
N ARG C 57 9.36 -29.85 13.88
CA ARG C 57 8.33 -30.53 13.15
C ARG C 57 7.72 -29.65 12.06
N ASP C 58 7.86 -28.33 12.18
CA ASP C 58 7.16 -27.44 11.27
C ASP C 58 7.92 -27.36 9.94
N GLU C 59 7.20 -27.67 8.87
CA GLU C 59 7.78 -27.69 7.50
C GLU C 59 8.15 -26.31 7.05
N ARG C 60 7.53 -25.29 7.65
CA ARG C 60 7.83 -23.90 7.30
C ARG C 60 9.19 -23.43 7.82
N VAL C 61 9.70 -24.12 8.84
CA VAL C 61 11.00 -23.82 9.41
C VAL C 61 12.14 -24.58 8.71
N SER C 62 13.21 -23.88 8.34
CA SER C 62 14.38 -24.51 7.73
C SER C 62 15.69 -23.95 8.29
N SER C 63 16.76 -24.72 8.10
CA SER C 63 18.13 -24.33 8.50
C SER C 63 18.21 -23.83 9.95
N LEU C 64 17.46 -24.46 10.85
CA LEU C 64 17.42 -24.01 12.27
C LEU C 64 18.80 -24.11 12.93
N GLU C 65 19.25 -23.03 13.57
CA GLU C 65 20.51 -23.00 14.24
C GLU C 65 20.40 -22.21 15.53
N VAL C 66 21.19 -22.57 16.53
CA VAL C 66 21.41 -21.64 17.65
C VAL C 66 22.54 -20.71 17.25
N LEU C 67 22.52 -19.51 17.81
CA LEU C 67 23.50 -18.51 17.45
C LEU C 67 24.60 -18.44 18.50
N PRO C 68 25.81 -18.01 18.08
CA PRO C 68 26.84 -17.79 19.07
C PRO C 68 26.46 -16.68 20.04
N ASN C 69 25.69 -15.70 19.56
CA ASN C 69 25.25 -14.56 20.34
C ASN C 69 24.55 -14.98 21.62
N ARG C 70 24.75 -14.20 22.66
CA ARG C 70 24.18 -14.45 23.97
C ARG C 70 22.92 -13.65 24.15
N VAL C 71 22.05 -14.12 25.03
CA VAL C 71 20.82 -13.37 25.39
C VAL C 71 21.19 -12.23 26.32
N ALA C 72 20.77 -11.02 26.03
CA ALA C 72 21.14 -9.84 26.90
C ALA C 72 20.58 -9.95 28.31
N THR C 79 12.77 -4.72 40.27
CA THR C 79 12.31 -6.00 40.82
C THR C 79 11.04 -5.90 41.61
N HIS C 80 10.85 -4.82 42.36
CA HIS C 80 9.72 -4.73 43.28
C HIS C 80 8.52 -4.15 42.55
N LEU C 81 8.79 -3.30 41.57
CA LEU C 81 7.72 -2.86 40.67
C LEU C 81 7.22 -4.03 39.81
N ALA C 82 8.13 -4.89 39.40
CA ALA C 82 7.83 -6.04 38.57
C ALA C 82 6.88 -6.97 39.29
N GLU C 83 7.19 -7.26 40.55
CA GLU C 83 6.30 -8.08 41.41
C GLU C 83 4.91 -7.48 41.53
N ILE C 84 4.84 -6.17 41.65
CA ILE C 84 3.57 -5.47 41.81
C ILE C 84 2.71 -5.60 40.57
N MET C 85 3.32 -5.44 39.40
CA MET C 85 2.57 -5.40 38.13
C MET C 85 1.96 -6.75 37.74
N VAL C 86 2.70 -7.81 37.99
CA VAL C 86 2.26 -9.15 37.60
C VAL C 86 0.90 -9.45 38.21
N GLY C 87 -0.09 -9.74 37.37
CA GLY C 87 -1.44 -10.03 37.84
C GLY C 87 -2.39 -8.84 37.82
N LYS C 88 -1.87 -7.64 37.61
CA LYS C 88 -2.71 -6.44 37.58
C LYS C 88 -3.35 -6.17 36.22
N ALA C 89 -4.59 -5.72 36.28
CA ALA C 89 -5.21 -5.13 35.13
C ALA C 89 -4.50 -3.81 34.91
N VAL C 90 -4.25 -3.45 33.66
CA VAL C 90 -3.56 -2.20 33.35
C VAL C 90 -4.25 -1.49 32.21
N GLU C 91 -3.89 -0.23 32.00
CA GLU C 91 -4.18 0.46 30.77
C GLU C 91 -2.87 0.82 30.07
N HIS C 92 -2.66 0.30 28.87
CA HIS C 92 -1.38 0.42 28.17
C HIS C 92 -1.48 1.31 26.97
N ILE C 93 -0.58 2.27 26.91
CA ILE C 93 -0.44 3.13 25.77
C ILE C 93 0.77 2.62 25.00
N PHE C 94 0.50 2.07 23.81
CA PHE C 94 1.56 1.46 22.97
C PHE C 94 1.17 1.46 21.50
N GLU C 95 2.18 1.37 20.64
CA GLU C 95 2.04 1.30 19.18
C GLU C 95 2.41 -0.07 18.67
N THR C 96 1.53 -0.72 17.94
CA THR C 96 1.81 -2.12 17.49
C THR C 96 2.71 -2.10 16.25
N GLU C 97 3.06 -3.26 15.74
CA GLU C 97 4.00 -3.39 14.61
C GLU C 97 3.60 -2.61 13.38
N GLU C 98 2.30 -2.53 13.09
CA GLU C 98 1.83 -1.91 11.84
C GLU C 98 1.55 -0.43 12.02
N GLY C 99 1.85 0.13 13.19
CA GLY C 99 1.77 1.56 13.43
C GLY C 99 0.56 2.07 14.18
N SER C 100 -0.39 1.21 14.54
CA SER C 100 -1.58 1.63 15.32
C SER C 100 -1.20 2.07 16.73
N LYS C 101 -1.70 3.24 17.13
CA LYS C 101 -1.35 3.88 18.40
C LYS C 101 -2.58 4.08 19.31
N GLU C 103 -4.51 2.58 22.87
CA GLU C 103 -4.68 2.75 24.35
C GLU C 103 -5.62 1.69 24.83
N TRP C 104 -5.05 0.62 25.40
CA TRP C 104 -5.80 -0.62 25.57
C TRP C 104 -5.79 -1.11 27.00
N ARG C 105 -6.93 -1.66 27.39
CA ARG C 105 -7.09 -2.32 28.65
C ARG C 105 -6.53 -3.72 28.55
N GLY C 106 -5.63 -4.07 29.47
CA GLY C 106 -5.08 -5.41 29.47
C GLY C 106 -4.80 -5.96 30.84
N MET C 107 -4.01 -7.02 30.85
CA MET C 107 -3.53 -7.59 32.08
C MET C 107 -2.08 -8.02 31.95
N VAL C 108 -1.27 -7.72 32.97
CA VAL C 108 0.10 -8.25 33.03
C VAL C 108 0.07 -9.66 33.60
N LEU C 109 0.58 -10.61 32.82
CA LEU C 109 0.44 -12.00 33.12
C LEU C 109 1.58 -12.54 33.99
N ALA C 110 2.80 -12.14 33.66
CA ALA C 110 3.99 -12.70 34.25
C ALA C 110 5.23 -12.00 33.72
N GLN C 111 6.30 -12.08 34.49
CA GLN C 111 7.60 -11.70 33.99
C GLN C 111 7.99 -12.85 33.04
N ALA C 112 8.45 -12.52 31.84
CA ALA C 112 8.79 -13.54 30.85
C ALA C 112 10.02 -14.36 31.30
N PRO C 113 10.09 -15.65 30.93
CA PRO C 113 11.30 -16.41 31.15
C PRO C 113 12.42 -15.91 30.24
N VAL C 114 13.68 -16.15 30.65
CA VAL C 114 14.84 -15.95 29.80
C VAL C 114 15.17 -14.47 29.58
N MET C 115 14.18 -13.67 29.18
CA MET C 115 14.44 -12.25 28.91
C MET C 115 13.97 -11.34 30.03
N ASN C 116 14.93 -10.84 30.80
CA ASN C 116 14.68 -10.35 32.16
C ASN C 116 13.74 -9.17 32.30
N THR C 117 13.88 -8.18 31.44
CA THR C 117 13.09 -6.93 31.58
C THR C 117 11.79 -7.00 30.82
N TRP C 118 11.41 -8.18 30.34
CA TRP C 118 10.22 -8.33 29.50
C TRP C 118 9.09 -8.99 30.25
N PHE C 119 7.86 -8.67 29.88
CA PHE C 119 6.66 -9.15 30.54
C PHE C 119 5.67 -9.74 29.60
N TYR C 120 5.05 -10.84 29.99
CA TYR C 120 3.84 -11.33 29.30
C TYR C 120 2.65 -10.41 29.60
N ILE C 121 1.94 -10.00 28.56
CA ILE C 121 0.77 -9.14 28.69
C ILE C 121 -0.24 -9.52 27.63
N THR C 122 -1.52 -9.39 27.94
CA THR C 122 -2.59 -9.62 26.99
C THR C 122 -3.64 -8.55 27.12
N TYR C 123 -4.47 -8.40 26.09
CA TYR C 123 -5.42 -7.29 26.00
C TYR C 123 -6.80 -7.82 25.69
N GLU C 124 -7.83 -7.16 26.23
CA GLU C 124 -9.21 -7.58 25.96
C GLU C 124 -9.60 -7.43 24.49
N LYS C 125 -9.02 -6.46 23.79
CA LYS C 125 -9.28 -6.28 22.35
C LYS C 125 -8.50 -7.25 21.47
N ASP C 126 -7.43 -7.83 22.01
CA ASP C 126 -6.62 -8.81 21.28
C ASP C 126 -6.05 -9.78 22.30
N PRO C 127 -6.84 -10.80 22.68
CA PRO C 127 -6.45 -11.74 23.74
C PRO C 127 -5.44 -12.82 23.31
N VAL C 128 -4.28 -12.38 22.87
CA VAL C 128 -3.15 -13.24 22.59
C VAL C 128 -1.95 -12.77 23.43
N LEU C 129 -0.90 -13.58 23.46
CA LEU C 129 0.26 -13.30 24.32
C LEU C 129 1.20 -12.31 23.67
N TYR C 130 1.25 -11.12 24.25
CA TYR C 130 2.21 -10.10 23.83
C TYR C 130 3.37 -10.11 24.81
N MET C 131 4.45 -9.48 24.42
CA MET C 131 5.64 -9.39 25.28
C MET C 131 6.35 -8.06 25.12
N TYR C 132 6.39 -7.27 26.19
CA TYR C 132 6.91 -5.89 26.14
C TYR C 132 7.75 -5.57 27.37
N GLN C 133 8.59 -4.55 27.24
CA GLN C 133 9.38 -4.06 28.35
C GLN C 133 8.54 -3.03 29.10
N LEU C 134 7.71 -3.52 30.00
CA LEU C 134 6.68 -2.74 30.61
C LEU C 134 7.17 -1.76 31.68
N LEU C 135 8.28 -2.08 32.32
CA LEU C 135 8.88 -1.18 33.32
C LEU C 135 9.39 0.10 32.66
N ASP C 136 9.77 -0.01 31.40
CA ASP C 136 10.22 1.16 30.65
C ASP C 136 9.01 1.99 30.26
N ASP C 137 7.95 1.35 29.83
CA ASP C 137 6.73 2.08 29.47
C ASP C 137 6.15 2.72 30.73
N TYR C 138 6.29 2.03 31.87
CA TYR C 138 5.74 2.52 33.12
C TYR C 138 6.46 3.81 33.48
N LYS C 139 7.79 3.83 33.32
CA LYS C 139 8.61 4.99 33.68
C LYS C 139 8.33 6.15 32.69
N ASP C 140 8.03 5.83 31.44
CA ASP C 140 7.61 6.80 30.44
C ASP C 140 6.27 7.44 30.72
N GLY C 141 5.42 6.79 31.50
CA GLY C 141 4.05 7.25 31.77
C GLY C 141 2.98 6.56 30.93
N ASP C 142 3.36 5.46 30.25
CA ASP C 142 2.51 4.83 29.27
C ASP C 142 1.74 3.64 29.83
N LEU C 143 1.94 3.32 31.12
CA LEU C 143 1.31 2.18 31.72
C LEU C 143 0.65 2.50 33.06
N ARG C 144 -0.67 2.32 33.13
CA ARG C 144 -1.41 2.64 34.33
C ARG C 144 -1.79 1.35 34.97
N ILE C 145 -1.39 1.17 36.23
CA ILE C 145 -1.86 0.02 37.02
C ILE C 145 -3.23 0.33 37.67
N LEU C 146 -4.18 -0.59 37.55
CA LEU C 146 -5.53 -0.41 38.13
C LEU C 146 -5.79 -1.29 39.36
N SER C 165 -6.58 -27.36 37.46
CA SER C 165 -5.67 -27.15 36.36
C SER C 165 -6.00 -28.02 35.14
N LEU C 166 -6.34 -27.35 34.05
CA LEU C 166 -6.74 -27.94 32.77
C LEU C 166 -5.57 -28.13 31.81
N VAL C 167 -4.35 -27.90 32.28
CA VAL C 167 -3.16 -27.87 31.43
C VAL C 167 -2.91 -29.27 30.83
N GLY C 168 -2.69 -29.31 29.53
CA GLY C 168 -2.52 -30.58 28.82
C GLY C 168 -3.80 -31.05 28.15
N LYS C 169 -4.95 -30.54 28.59
CA LYS C 169 -6.22 -30.98 28.01
C LYS C 169 -6.42 -30.39 26.64
N GLN C 170 -7.04 -31.18 25.76
CA GLN C 170 -7.43 -30.75 24.43
C GLN C 170 -8.64 -29.81 24.57
N VAL C 171 -8.75 -28.84 23.67
CA VAL C 171 -9.88 -27.88 23.68
C VAL C 171 -10.37 -27.63 22.29
N GLU C 172 -11.61 -27.14 22.21
CA GLU C 172 -12.22 -26.87 20.92
C GLU C 172 -13.28 -25.78 21.05
N TYR C 173 -13.48 -24.98 20.00
CA TYR C 173 -14.68 -24.18 19.87
C TYR C 173 -15.07 -24.10 18.40
N ALA C 174 -16.38 -24.12 18.13
CA ALA C 174 -16.89 -24.14 16.77
C ALA C 174 -16.91 -22.73 16.18
N LYS C 175 -16.19 -22.55 15.09
CA LYS C 175 -16.02 -21.21 14.48
C LYS C 175 -17.30 -20.77 13.78
N ASP C 176 -17.40 -19.47 13.47
CA ASP C 176 -18.63 -18.91 12.94
C ASP C 176 -19.07 -19.66 11.68
N ASP C 177 -18.11 -20.05 10.86
CA ASP C 177 -18.42 -20.79 9.63
C ASP C 177 -18.85 -22.25 9.87
N GLY C 178 -18.82 -22.66 11.13
CA GLY C 178 -19.16 -24.02 11.57
C GLY C 178 -17.97 -24.97 11.69
N SER C 179 -16.77 -24.46 11.43
CA SER C 179 -15.57 -25.34 11.54
C SER C 179 -15.24 -25.45 13.03
N LYS C 180 -14.59 -26.56 13.37
CA LYS C 180 -14.05 -26.78 14.71
C LYS C 180 -12.60 -26.30 14.79
N ARG C 181 -12.31 -25.38 15.72
CA ARG C 181 -10.93 -25.01 16.02
C ARG C 181 -10.44 -25.84 17.20
N THR C 182 -9.32 -26.53 17.02
CA THR C 182 -8.79 -27.45 18.02
C THR C 182 -7.42 -27.00 18.52
N GLY C 183 -7.21 -27.15 19.81
CA GLY C 183 -5.97 -26.76 20.45
C GLY C 183 -5.71 -27.52 21.72
N MET C 184 -4.73 -27.06 22.50
CA MET C 184 -4.38 -27.65 23.75
C MET C 184 -4.04 -26.57 24.75
N VAL C 185 -4.50 -26.76 25.99
CA VAL C 185 -4.17 -25.87 27.09
C VAL C 185 -2.71 -26.18 27.47
N ILE C 186 -1.85 -25.16 27.43
CA ILE C 186 -0.41 -25.38 27.64
C ILE C 186 0.18 -24.72 28.85
N HIS C 187 -0.54 -23.78 29.44
CA HIS C 187 -0.05 -23.07 30.59
C HIS C 187 -1.22 -22.55 31.43
N GLN C 188 -1.06 -22.63 32.76
CA GLN C 188 -1.91 -21.94 33.70
C GLN C 188 -1.14 -20.80 34.37
N VAL C 189 -1.69 -19.61 34.27
CA VAL C 189 -1.03 -18.43 34.78
C VAL C 189 -1.06 -18.46 36.31
N GLU C 190 0.13 -18.37 36.92
CA GLU C 190 0.28 -18.46 38.41
C GLU C 190 -0.39 -17.31 39.10
N ALA C 191 -0.20 -16.13 38.55
CA ALA C 191 -0.72 -14.93 39.15
C ALA C 191 -2.26 -14.85 39.09
N LYS C 192 -2.86 -15.55 38.13
CA LYS C 192 -4.31 -15.60 37.96
C LYS C 192 -4.70 -17.01 37.43
N PRO C 193 -4.84 -17.99 38.35
CA PRO C 193 -5.08 -19.40 38.05
C PRO C 193 -6.28 -19.71 37.15
N SER C 194 -7.21 -18.76 36.98
CA SER C 194 -8.33 -18.95 36.04
C SER C 194 -7.94 -18.57 34.58
N VAL C 195 -6.75 -18.04 34.41
CA VAL C 195 -6.25 -17.68 33.08
C VAL C 195 -5.27 -18.73 32.56
N TYR C 196 -5.52 -19.17 31.32
CA TYR C 196 -4.76 -20.23 30.71
C TYR C 196 -4.24 -19.78 29.35
N PHE C 197 -3.08 -20.35 28.96
CA PHE C 197 -2.58 -20.20 27.60
C PHE C 197 -3.06 -21.39 26.79
N ILE C 198 -3.57 -21.11 25.61
CA ILE C 198 -3.99 -22.13 24.67
C ILE C 198 -3.26 -22.01 23.33
N LYS C 199 -2.77 -23.15 22.85
CA LYS C 199 -2.20 -23.22 21.53
C LYS C 199 -3.16 -23.95 20.64
N PHE C 200 -3.63 -23.26 19.59
CA PHE C 200 -4.46 -23.89 18.56
C PHE C 200 -3.63 -24.48 17.43
N ASP C 201 -4.08 -25.59 16.85
CA ASP C 201 -3.35 -26.30 15.81
C ASP C 201 -3.05 -25.48 14.57
N ASP C 202 -3.88 -24.49 14.28
CA ASP C 202 -3.80 -23.80 13.01
C ASP C 202 -3.00 -22.50 13.03
N ASP C 203 -2.50 -22.10 14.20
CA ASP C 203 -1.96 -20.74 14.41
C ASP C 203 -0.81 -20.75 15.41
N PHE C 204 0.12 -19.81 15.25
CA PHE C 204 1.31 -19.73 16.06
C PHE C 204 1.20 -18.71 17.18
N HIS C 205 0.11 -17.97 17.22
CA HIS C 205 -0.12 -17.11 18.35
C HIS C 205 -0.49 -17.95 19.58
N ILE C 206 -0.24 -17.38 20.75
CA ILE C 206 -0.67 -18.01 22.01
C ILE C 206 -1.89 -17.31 22.51
N TYR C 207 -2.99 -18.06 22.68
CA TYR C 207 -4.29 -17.47 23.00
C TYR C 207 -4.53 -17.52 24.47
N VAL C 208 -4.92 -16.39 25.03
CA VAL C 208 -5.05 -16.25 26.48
C VAL C 208 -6.53 -16.21 26.81
N TYR C 209 -6.99 -17.19 27.56
CA TYR C 209 -8.40 -17.26 27.97
C TYR C 209 -8.53 -17.21 29.49
N ASP C 210 -9.38 -16.30 29.98
CA ASP C 210 -9.77 -16.22 31.38
C ASP C 210 -11.11 -16.93 31.49
N LEU C 211 -11.12 -18.04 32.22
CA LEU C 211 -12.30 -18.91 32.26
C LEU C 211 -13.37 -18.42 33.21
N VAL C 212 -13.03 -17.45 34.07
CA VAL C 212 -13.77 -17.09 35.24
C VAL C 212 -15.04 -16.51 34.69
N LYS C 213 -16.16 -17.09 35.12
CA LYS C 213 -17.48 -16.79 34.59
C LYS C 213 -17.53 -17.00 33.08
N GLY D 4 18.36 16.25 2.54
CA GLY D 4 17.82 16.68 1.22
C GLY D 4 16.90 17.86 1.35
N ASN D 5 16.12 18.15 0.33
CA ASN D 5 15.27 19.33 0.32
C ASN D 5 13.97 19.07 1.06
N ILE D 6 13.74 19.78 2.15
CA ILE D 6 12.56 19.53 2.97
C ILE D 6 11.32 20.32 2.57
N VAL D 7 11.39 21.15 1.54
CA VAL D 7 10.22 21.92 1.13
C VAL D 7 9.18 20.96 0.50
N GLY D 8 7.94 21.08 0.94
CA GLY D 8 6.87 20.21 0.47
C GLY D 8 6.81 18.91 1.24
N CYS D 9 7.60 18.79 2.32
CA CYS D 9 7.67 17.57 3.10
C CYS D 9 6.92 17.68 4.42
N ARG D 10 6.36 16.55 4.84
CA ARG D 10 5.87 16.39 6.21
C ARG D 10 7.08 16.26 7.14
N ILE D 11 7.08 16.99 8.25
CA ILE D 11 8.17 16.99 9.20
C ILE D 11 7.66 16.80 10.63
N GLN D 12 8.54 16.34 11.52
CA GLN D 12 8.31 16.42 12.92
C GLN D 12 9.60 16.76 13.64
N HIS D 13 9.47 17.39 14.81
CA HIS D 13 10.63 17.76 15.58
C HIS D 13 10.21 18.01 17.00
N GLY D 14 11.19 17.98 17.92
CA GLY D 14 10.98 18.43 19.28
C GLY D 14 10.99 19.96 19.29
N TRP D 15 10.36 20.52 20.30
CA TRP D 15 10.35 21.96 20.53
C TRP D 15 10.44 22.24 21.99
N LYS D 16 11.40 23.08 22.37
CA LYS D 16 11.59 23.45 23.76
C LYS D 16 12.07 24.88 23.82
N ASP D 17 11.21 25.77 24.30
CA ASP D 17 11.52 27.20 24.46
C ASP D 17 11.78 27.49 25.93
N GLY D 18 13.04 27.71 26.27
CA GLY D 18 13.41 28.05 27.68
C GLY D 18 13.19 26.86 28.56
N ASP D 19 12.47 27.05 29.65
CA ASP D 19 12.31 25.99 30.66
C ASP D 19 10.95 25.31 30.63
N GLU D 20 10.16 25.62 29.62
CA GLU D 20 8.91 24.91 29.36
C GLU D 20 9.28 23.46 28.98
N PRO D 21 8.42 22.49 29.31
CA PRO D 21 8.64 21.12 28.87
C PRO D 21 8.81 21.01 27.37
N LEU D 22 9.54 20.00 26.93
CA LEU D 22 9.62 19.71 25.51
C LEU D 22 8.26 19.23 24.95
N THR D 23 7.93 19.65 23.73
CA THR D 23 6.74 19.14 23.02
C THR D 23 7.13 18.60 21.64
N GLN D 24 6.23 17.85 21.00
CA GLN D 24 6.48 17.31 19.67
C GLN D 24 5.60 18.08 18.68
N TRP D 25 6.24 18.66 17.69
CA TRP D 25 5.54 19.40 16.66
C TRP D 25 5.52 18.56 15.39
N LYS D 26 4.43 18.69 14.64
CA LYS D 26 4.31 17.98 13.37
C LYS D 26 3.64 18.97 12.40
N GLY D 27 4.14 19.03 11.18
CA GLY D 27 3.66 20.01 10.23
C GLY D 27 4.12 19.75 8.80
N THR D 28 3.81 20.71 7.92
CA THR D 28 4.12 20.58 6.51
C THR D 28 4.92 21.80 6.13
N VAL D 29 6.10 21.57 5.53
CA VAL D 29 6.92 22.69 5.06
C VAL D 29 6.38 23.25 3.72
N LEU D 30 6.03 24.52 3.73
CA LEU D 30 5.42 25.19 2.59
C LEU D 30 6.44 25.82 1.64
N ASP D 31 7.55 26.32 2.17
CA ASP D 31 8.43 27.18 1.41
C ASP D 31 9.74 27.41 2.14
N GLN D 32 10.79 27.66 1.37
CA GLN D 32 12.08 28.10 1.90
C GLN D 32 12.29 29.50 1.34
N VAL D 33 12.49 30.46 2.23
CA VAL D 33 12.46 31.88 1.84
C VAL D 33 13.71 32.22 1.00
N PRO D 34 13.49 32.71 -0.23
CA PRO D 34 14.65 32.98 -1.12
C PRO D 34 15.64 34.02 -0.56
N VAL D 35 15.17 35.07 0.12
CA VAL D 35 16.08 36.08 0.73
C VAL D 35 16.74 35.65 2.04
N ASN D 36 16.30 34.51 2.59
CA ASN D 36 16.96 33.88 3.71
C ASN D 36 16.68 32.35 3.65
N PRO D 37 17.58 31.58 3.01
CA PRO D 37 17.37 30.14 2.80
C PRO D 37 17.46 29.31 4.08
N SER D 38 17.86 29.94 5.18
CA SER D 38 17.76 29.28 6.46
C SER D 38 16.29 29.24 6.95
N LEU D 39 15.47 30.16 6.44
CA LEU D 39 14.11 30.40 6.97
C LEU D 39 13.11 29.61 6.14
N TYR D 40 12.28 28.83 6.84
CA TYR D 40 11.22 28.07 6.25
C TYR D 40 9.88 28.53 6.77
N LEU D 41 8.86 28.44 5.92
CA LEU D 41 7.49 28.67 6.33
C LEU D 41 6.82 27.30 6.47
N ILE D 42 6.16 27.07 7.61
CA ILE D 42 5.60 25.77 7.93
C ILE D 42 4.15 25.91 8.41
N LYS D 43 3.27 25.04 7.92
CA LYS D 43 1.94 24.88 8.48
C LYS D 43 1.94 23.67 9.45
N TYR D 44 1.90 23.95 10.73
CA TYR D 44 1.88 22.90 11.76
C TYR D 44 0.47 22.42 12.02
N ASP D 45 0.34 21.14 12.38
CA ASP D 45 -0.97 20.49 12.46
C ASP D 45 -1.77 21.13 13.58
N GLY D 46 -2.91 21.70 13.21
CA GLY D 46 -3.81 22.35 14.17
C GLY D 46 -3.40 23.76 14.59
N PHE D 47 -2.36 24.32 13.97
CA PHE D 47 -1.96 25.68 14.27
C PHE D 47 -2.65 26.54 13.20
N ASP D 48 -3.32 27.59 13.62
CA ASP D 48 -4.01 28.48 12.70
C ASP D 48 -3.06 29.36 11.86
N CYS D 49 -1.93 29.72 12.43
CA CYS D 49 -1.05 30.65 11.80
C CYS D 49 0.16 29.95 11.19
N VAL D 50 0.66 30.48 10.09
CA VAL D 50 1.89 29.99 9.45
C VAL D 50 3.07 30.50 10.23
N TYR D 51 4.01 29.62 10.49
CA TYR D 51 5.22 29.97 11.26
C TYR D 51 6.40 30.04 10.32
N GLY D 52 7.26 31.02 10.61
CA GLY D 52 8.59 31.07 10.02
C GLY D 52 9.61 30.63 11.04
N LEU D 53 10.33 29.54 10.76
CA LEU D 53 11.37 29.03 11.60
C LEU D 53 12.62 28.68 10.85
N GLU D 54 13.77 29.05 11.44
CA GLU D 54 15.05 28.55 10.92
C GLU D 54 15.27 27.14 11.47
N LEU D 55 14.67 26.15 10.78
CA LEU D 55 14.56 24.81 11.29
C LEU D 55 15.88 24.12 11.60
N HIS D 56 16.94 24.43 10.87
CA HIS D 56 18.23 23.80 11.04
C HIS D 56 19.08 24.58 12.04
N ARG D 57 18.75 25.86 12.27
CA ARG D 57 19.55 26.77 13.16
C ARG D 57 18.95 27.03 14.52
N ASP D 58 17.62 26.89 14.64
CA ASP D 58 16.94 27.29 15.84
C ASP D 58 17.22 26.30 16.96
N GLU D 59 17.73 26.82 18.08
CA GLU D 59 18.16 25.99 19.19
C GLU D 59 16.97 25.44 19.95
N ARG D 60 15.76 25.96 19.68
CA ARG D 60 14.53 25.37 20.20
C ARG D 60 14.03 24.11 19.46
N VAL D 61 14.48 23.95 18.22
CA VAL D 61 14.18 22.79 17.42
C VAL D 61 15.18 21.64 17.63
N SER D 62 14.67 20.42 17.83
CA SER D 62 15.49 19.24 18.02
C SER D 62 14.92 18.02 17.31
N SER D 63 15.77 17.02 17.09
CA SER D 63 15.41 15.73 16.45
C SER D 63 14.55 15.95 15.19
N LEU D 64 14.90 16.94 14.38
CA LEU D 64 14.17 17.20 13.13
C LEU D 64 14.22 16.01 12.16
N GLU D 65 13.06 15.60 11.65
CA GLU D 65 12.99 14.52 10.68
C GLU D 65 11.96 14.88 9.62
N VAL D 66 12.16 14.40 8.40
CA VAL D 66 11.05 14.35 7.43
C VAL D 66 10.33 13.03 7.63
N LEU D 67 9.05 13.01 7.36
CA LEU D 67 8.25 11.83 7.60
C LEU D 67 8.06 11.05 6.30
N PRO D 68 7.83 9.73 6.41
CA PRO D 68 7.50 8.99 5.23
C PRO D 68 6.16 9.41 4.63
N ASN D 69 5.22 9.85 5.50
CA ASN D 69 3.90 10.34 5.11
C ASN D 69 3.94 11.41 4.03
N ARG D 70 2.97 11.33 3.13
CA ARG D 70 2.85 12.22 2.00
C ARG D 70 1.90 13.33 2.36
N VAL D 71 2.08 14.45 1.70
CA VAL D 71 1.23 15.63 1.91
C VAL D 71 -0.13 15.41 1.20
N ALA D 72 -1.22 15.68 1.91
CA ALA D 72 -2.62 15.60 1.42
C ALA D 72 -3.10 14.17 1.46
N ALA D 82 -11.51 29.74 -6.33
CA ALA D 82 -10.17 29.98 -5.79
C ALA D 82 -9.54 31.20 -6.43
N GLU D 83 -9.53 31.20 -7.77
CA GLU D 83 -9.01 32.28 -8.60
C GLU D 83 -9.82 33.56 -8.45
N ILE D 84 -11.05 33.45 -7.95
CA ILE D 84 -11.89 34.62 -7.59
C ILE D 84 -11.56 35.23 -6.22
N MET D 85 -11.34 34.36 -5.24
CA MET D 85 -11.14 34.79 -3.84
C MET D 85 -9.80 35.46 -3.58
N VAL D 86 -8.76 34.94 -4.19
CA VAL D 86 -7.43 35.47 -4.04
C VAL D 86 -7.43 36.97 -4.31
N GLY D 87 -7.02 37.75 -3.32
CA GLY D 87 -6.95 39.19 -3.44
C GLY D 87 -8.15 39.91 -2.87
N LYS D 88 -9.25 39.20 -2.65
CA LYS D 88 -10.46 39.85 -2.21
C LYS D 88 -10.41 40.16 -0.72
N ALA D 89 -11.07 41.26 -0.33
CA ALA D 89 -11.44 41.51 1.04
C ALA D 89 -12.68 40.64 1.38
N VAL D 90 -12.65 40.02 2.57
CA VAL D 90 -13.64 39.05 2.95
C VAL D 90 -14.08 39.26 4.37
N GLU D 91 -15.24 38.70 4.72
CA GLU D 91 -15.64 38.61 6.13
C GLU D 91 -15.75 37.15 6.49
N HIS D 92 -14.95 36.73 7.47
CA HIS D 92 -14.80 35.32 7.78
C HIS D 92 -15.38 34.99 9.17
N ILE D 93 -16.25 33.98 9.22
CA ILE D 93 -16.71 33.38 10.49
C ILE D 93 -15.84 32.18 10.81
N PHE D 94 -14.96 32.32 11.82
CA PHE D 94 -13.88 31.35 12.04
C PHE D 94 -13.74 30.76 13.45
N GLU D 95 -12.80 29.81 13.54
CA GLU D 95 -12.40 29.07 14.76
C GLU D 95 -11.07 29.55 15.33
N THR D 96 -10.96 29.62 16.65
CA THR D 96 -9.71 30.01 17.30
C THR D 96 -9.15 28.93 18.23
N GLU D 97 -9.87 28.60 19.31
CA GLU D 97 -9.31 27.90 20.54
C GLU D 97 -8.92 28.87 21.66
N GLU D 103 -16.12 36.64 13.84
CA GLU D 103 -16.58 37.18 12.54
C GLU D 103 -15.68 38.36 12.20
N TRP D 104 -14.68 38.14 11.32
CA TRP D 104 -13.60 39.12 11.13
C TRP D 104 -13.46 39.53 9.70
N ARG D 105 -13.13 40.80 9.50
CA ARG D 105 -12.82 41.33 8.20
C ARG D 105 -11.37 41.05 7.83
N GLY D 106 -11.16 40.49 6.66
CA GLY D 106 -9.81 40.13 6.26
C GLY D 106 -9.61 40.15 4.77
N MET D 107 -8.50 39.56 4.34
CA MET D 107 -8.15 39.52 2.96
C MET D 107 -7.53 38.20 2.62
N VAL D 108 -7.99 37.60 1.51
CA VAL D 108 -7.40 36.39 1.02
C VAL D 108 -6.15 36.82 0.24
N LEU D 109 -5.01 36.31 0.67
CA LEU D 109 -3.72 36.71 0.11
C LEU D 109 -3.34 35.88 -1.13
N ALA D 110 -3.58 34.56 -1.06
CA ALA D 110 -3.02 33.63 -2.02
C ALA D 110 -3.46 32.21 -1.69
N GLN D 111 -3.49 31.38 -2.71
CA GLN D 111 -3.61 29.94 -2.51
C GLN D 111 -2.24 29.52 -1.93
N ALA D 112 -2.23 28.72 -0.85
CA ALA D 112 -0.96 28.36 -0.21
C ALA D 112 -0.15 27.41 -1.08
N PRO D 113 1.20 27.54 -1.06
CA PRO D 113 2.01 26.52 -1.67
C PRO D 113 1.85 25.14 -1.00
N VAL D 114 2.09 24.09 -1.76
CA VAL D 114 2.15 22.75 -1.26
C VAL D 114 0.81 22.18 -0.85
N MET D 115 0.05 22.88 -0.02
CA MET D 115 -1.18 22.35 0.44
C MET D 115 -2.26 23.03 -0.42
N ASN D 116 -2.87 22.29 -1.33
CA ASN D 116 -3.68 22.85 -2.45
C ASN D 116 -5.00 23.54 -2.13
N THR D 117 -5.71 23.04 -1.12
CA THR D 117 -7.03 23.59 -0.78
C THR D 117 -6.97 24.66 0.30
N TRP D 118 -5.75 25.02 0.70
CA TRP D 118 -5.54 25.92 1.79
C TRP D 118 -5.22 27.26 1.21
N PHE D 119 -5.58 28.30 1.94
CA PHE D 119 -5.33 29.68 1.52
C PHE D 119 -4.59 30.49 2.58
N TYR D 120 -3.68 31.34 2.15
CA TYR D 120 -3.17 32.42 2.98
C TYR D 120 -4.21 33.52 3.16
N ILE D 121 -4.47 33.90 4.43
CA ILE D 121 -5.45 34.90 4.76
C ILE D 121 -4.94 35.67 5.98
N THR D 122 -5.28 36.96 6.04
CA THR D 122 -4.92 37.79 7.16
C THR D 122 -6.12 38.64 7.54
N TYR D 123 -6.11 39.17 8.75
CA TYR D 123 -7.22 39.92 9.29
C TYR D 123 -6.78 41.27 9.84
N GLU D 124 -7.63 42.29 9.70
CA GLU D 124 -7.31 43.63 10.21
C GLU D 124 -7.20 43.64 11.76
N LYS D 125 -7.93 42.77 12.44
CA LYS D 125 -7.79 42.65 13.91
C LYS D 125 -6.58 41.83 14.36
N ASP D 126 -6.01 41.04 13.45
CA ASP D 126 -4.81 40.27 13.73
C ASP D 126 -4.05 40.10 12.43
N PRO D 127 -3.22 41.11 12.08
CA PRO D 127 -2.51 41.11 10.81
C PRO D 127 -1.24 40.20 10.78
N VAL D 128 -1.46 38.91 11.00
CA VAL D 128 -0.44 37.88 10.75
C VAL D 128 -0.97 36.88 9.75
N LEU D 129 -0.09 36.01 9.28
CA LEU D 129 -0.43 35.05 8.24
C LEU D 129 -1.16 33.83 8.79
N TYR D 130 -2.45 33.73 8.44
CA TYR D 130 -3.23 32.53 8.75
C TYR D 130 -3.35 31.66 7.55
N MET D 131 -3.78 30.42 7.78
CA MET D 131 -3.96 29.48 6.71
C MET D 131 -5.18 28.57 6.98
N TYR D 132 -6.19 28.67 6.12
CA TYR D 132 -7.45 27.95 6.29
C TYR D 132 -7.94 27.39 4.96
N GLN D 133 -8.80 26.39 5.05
CA GLN D 133 -9.47 25.81 3.89
C GLN D 133 -10.72 26.61 3.60
N LEU D 134 -10.55 27.67 2.82
CA LEU D 134 -11.60 28.71 2.70
C LEU D 134 -12.74 28.32 1.76
N LEU D 135 -12.46 27.47 0.78
CA LEU D 135 -13.50 26.99 -0.15
C LEU D 135 -14.51 26.12 0.58
N ASP D 136 -14.09 25.50 1.68
CA ASP D 136 -15.03 24.75 2.54
C ASP D 136 -15.89 25.70 3.38
N ASP D 137 -15.31 26.78 3.89
CA ASP D 137 -16.05 27.78 4.65
C ASP D 137 -16.93 28.68 3.75
N TYR D 138 -16.58 28.71 2.48
CA TYR D 138 -17.39 29.46 1.52
C TYR D 138 -18.73 28.82 1.20
N LYS D 139 -18.72 27.50 1.07
CA LYS D 139 -19.95 26.75 0.81
C LYS D 139 -20.82 26.69 2.07
N ASP D 140 -20.19 26.59 3.24
CA ASP D 140 -20.89 26.57 4.52
C ASP D 140 -21.61 27.86 4.82
N GLY D 141 -21.25 28.93 4.11
CA GLY D 141 -21.87 30.23 4.30
C GLY D 141 -21.08 31.06 5.28
N ASP D 142 -19.85 30.62 5.57
CA ASP D 142 -19.02 31.25 6.61
C ASP D 142 -18.01 32.25 6.04
N LEU D 143 -17.96 32.37 4.72
CA LEU D 143 -17.05 33.32 4.12
C LEU D 143 -17.83 34.17 3.15
N ARG D 144 -17.68 35.49 3.27
CA ARG D 144 -18.39 36.46 2.46
C ARG D 144 -17.41 37.33 1.68
N ILE D 145 -17.46 37.22 0.35
CA ILE D 145 -16.52 37.96 -0.50
C ILE D 145 -17.05 39.36 -0.67
N LEU D 146 -16.21 40.36 -0.44
CA LEU D 146 -16.61 41.79 -0.52
C LEU D 146 -16.02 42.53 -1.71
N SER D 165 9.83 46.70 -5.43
CA SER D 165 9.86 45.62 -4.48
C SER D 165 10.95 45.81 -3.43
N LEU D 166 10.55 45.67 -2.17
CA LEU D 166 11.31 45.86 -0.93
C LEU D 166 11.77 44.56 -0.30
N VAL D 167 11.52 43.45 -0.99
CA VAL D 167 11.81 42.11 -0.48
C VAL D 167 13.32 41.95 -0.25
N GLY D 168 13.69 41.50 0.93
CA GLY D 168 15.07 41.36 1.32
C GLY D 168 15.58 42.50 2.17
N LYS D 169 14.85 43.60 2.22
CA LYS D 169 15.25 44.77 2.99
C LYS D 169 14.93 44.61 4.48
N GLN D 170 15.81 45.13 5.34
CA GLN D 170 15.51 45.18 6.77
C GLN D 170 14.40 46.15 7.01
N VAL D 171 13.71 45.95 8.11
CA VAL D 171 12.70 46.90 8.59
C VAL D 171 12.69 46.97 10.09
N GLU D 172 12.11 48.05 10.59
CA GLU D 172 12.00 48.28 11.99
C GLU D 172 10.83 49.18 12.32
N TYR D 173 10.34 49.08 13.53
CA TYR D 173 9.46 50.09 14.11
C TYR D 173 9.63 50.20 15.62
N ALA D 174 9.28 51.36 16.19
CA ALA D 174 9.35 51.55 17.63
C ALA D 174 8.12 50.96 18.31
N LYS D 175 8.35 50.06 19.26
CA LYS D 175 7.27 49.49 20.03
C LYS D 175 6.85 50.45 21.14
N ASP D 176 5.89 50.00 21.94
CA ASP D 176 5.38 50.74 23.11
C ASP D 176 6.40 50.92 24.23
N ASP D 177 7.25 49.93 24.42
CA ASP D 177 8.11 49.81 25.59
C ASP D 177 9.50 50.40 25.45
N GLY D 178 9.73 51.23 24.43
CA GLY D 178 10.99 51.95 24.28
C GLY D 178 12.09 51.16 23.58
N SER D 179 11.74 50.08 22.86
CA SER D 179 12.65 49.33 22.01
C SER D 179 12.22 49.21 20.53
N LYS D 180 13.22 49.03 19.65
CA LYS D 180 12.95 48.83 18.24
C LYS D 180 12.75 47.35 17.94
N ARG D 181 11.71 47.05 17.17
CA ARG D 181 11.53 45.71 16.66
C ARG D 181 12.14 45.66 15.27
N THR D 182 12.96 44.65 15.02
CA THR D 182 13.69 44.53 13.78
C THR D 182 13.29 43.28 13.02
N GLY D 183 13.18 43.39 11.72
CA GLY D 183 12.82 42.26 10.87
C GLY D 183 13.31 42.41 9.46
N MET D 184 12.81 41.57 8.58
CA MET D 184 13.14 41.60 7.16
C MET D 184 11.90 41.32 6.34
N VAL D 185 11.75 42.08 5.26
CA VAL D 185 10.69 41.84 4.29
C VAL D 185 11.09 40.55 3.53
N ILE D 186 10.19 39.58 3.48
CA ILE D 186 10.52 38.28 2.91
C ILE D 186 9.69 37.91 1.70
N HIS D 187 8.59 38.61 1.47
N HIS D 187 8.68 38.69 1.38
CA HIS D 187 7.72 38.30 0.35
CA HIS D 187 7.77 38.31 0.35
C HIS D 187 6.83 39.48 -0.01
C HIS D 187 6.86 39.49 -0.02
N GLN D 188 6.59 39.62 -1.31
CA GLN D 188 5.61 40.56 -1.84
C GLN D 188 4.45 39.79 -2.44
N VAL D 189 3.25 40.13 -2.04
CA VAL D 189 2.05 39.39 -2.44
C VAL D 189 1.68 39.72 -3.89
N GLU D 190 1.63 38.70 -4.73
CA GLU D 190 1.47 38.89 -6.16
C GLU D 190 0.09 39.37 -6.53
N ALA D 191 -0.94 39.00 -5.76
CA ALA D 191 -2.31 39.49 -5.95
C ALA D 191 -2.52 40.95 -5.51
N LYS D 192 -1.69 41.41 -4.59
CA LYS D 192 -1.77 42.77 -4.08
C LYS D 192 -0.36 43.25 -3.77
N PRO D 193 0.35 43.76 -4.80
CA PRO D 193 1.76 44.13 -4.73
C PRO D 193 2.18 45.13 -3.64
N SER D 194 1.20 45.81 -3.03
CA SER D 194 1.51 46.73 -1.91
C SER D 194 1.56 45.98 -0.57
N VAL D 195 1.19 44.71 -0.58
CA VAL D 195 1.17 43.88 0.63
C VAL D 195 2.39 42.99 0.68
N TYR D 196 3.09 43.03 1.80
CA TYR D 196 4.36 42.30 2.00
C TYR D 196 4.26 41.44 3.24
N PHE D 197 5.05 40.37 3.25
CA PHE D 197 5.23 39.57 4.46
C PHE D 197 6.53 39.99 5.12
N ILE D 198 6.49 40.11 6.44
CA ILE D 198 7.63 40.47 7.24
C ILE D 198 7.91 39.45 8.33
N LYS D 199 9.18 39.08 8.47
CA LYS D 199 9.63 38.23 9.55
C LYS D 199 10.43 39.04 10.53
N PHE D 200 9.97 39.15 11.79
CA PHE D 200 10.70 39.88 12.83
C PHE D 200 11.61 38.92 13.58
N ASP D 201 12.76 39.41 14.02
CA ASP D 201 13.78 38.59 14.67
C ASP D 201 13.31 37.91 15.94
N ASP D 202 12.31 38.47 16.60
CA ASP D 202 11.91 38.03 17.94
C ASP D 202 10.69 37.10 17.97
N ASP D 203 10.15 36.75 16.80
CA ASP D 203 8.89 36.01 16.73
C ASP D 203 8.80 35.13 15.49
N PHE D 204 8.02 34.05 15.60
CA PHE D 204 7.87 33.09 14.50
C PHE D 204 6.59 33.32 13.66
N HIS D 205 5.77 34.31 14.02
CA HIS D 205 4.60 34.61 13.20
C HIS D 205 5.08 35.36 11.96
N ILE D 206 4.30 35.29 10.90
CA ILE D 206 4.58 36.04 9.68
C ILE D 206 3.62 37.25 9.64
N TYR D 207 4.20 38.45 9.67
CA TYR D 207 3.41 39.71 9.79
C TYR D 207 3.11 40.27 8.43
N VAL D 208 1.87 40.65 8.22
CA VAL D 208 1.41 41.08 6.93
C VAL D 208 1.12 42.60 6.97
N TYR D 209 1.78 43.35 6.09
CA TYR D 209 1.63 44.81 6.05
C TYR D 209 1.24 45.28 4.66
N ASP D 210 0.17 46.06 4.56
CA ASP D 210 -0.23 46.74 3.33
C ASP D 210 0.26 48.17 3.38
N LEU D 211 1.17 48.48 2.47
CA LEU D 211 1.94 49.73 2.56
C LEU D 211 1.22 50.95 2.05
N VAL D 212 0.04 50.77 1.47
CA VAL D 212 -0.79 51.88 1.03
C VAL D 212 -1.64 52.35 2.19
N LYS D 213 -1.42 51.78 3.37
CA LYS D 213 -2.27 51.96 4.50
C LYS D 213 -1.47 52.45 5.70
#